data_6TRL
#
_entry.id   6TRL
#
_cell.length_a   53.075
_cell.length_b   77.430
_cell.length_c   91.076
_cell.angle_alpha   90.000
_cell.angle_beta   91.810
_cell.angle_gamma   90.000
#
_symmetry.space_group_name_H-M   'P 1 21 1'
#
loop_
_entity.id
_entity.type
_entity.pdbx_description
1 polymer 'Kinesin-like protein KIF11'
2 non-polymer 'MAGNESIUM ION'
3 non-polymer "ADENOSINE-5'-DIPHOSPHATE"
4 non-polymer DI(HYDROXYETHYL)ETHER
5 non-polymer 'NITRATE ION'
6 water water
#
_entity_poly.entity_id   1
_entity_poly.type   'polypeptide(L)'
_entity_poly.pdbx_seq_one_letter_code
;ASQPNSSAKKKEEKGKNIQVVVRCRPFNLAERKASAHSIVECDPVRKEVSVRTGGLADKSSRKTYTFDMVFGASTKQIDV
FRSVVCPILDEVIMGYNCTIFAYGQTGTGKTFTMEGERSPNEEYTWEEDPLAGIIPRTLHQIFEKLTDNGTEFSVKVSLL
EIYNEELFDLLNPSSDVSERLQMFDDPRNKRGVIIKGLEEITVHNKDEVYQILEKGAAKRTTAATLMNAYSSRSHSVFSV
TIHMKETTIDGEELVKIGKLNLVDLAGSENIGRSGAVDKRAREAGNINQSLLTLGRVITALVERTPHVPYRESKLTRILQ
DSLGGRTRTSIIATISPASLNLEETLSTLEYAHRAKNILNKPEVNQK
;
_entity_poly.pdbx_strand_id   A,B
#
loop_
_chem_comp.id
_chem_comp.type
_chem_comp.name
_chem_comp.formula
ADP non-polymer ADENOSINE-5'-DIPHOSPHATE 'C10 H15 N5 O10 P2'
MG non-polymer 'MAGNESIUM ION' 'Mg 2'
NO3 non-polymer 'NITRATE ION' 'N O3 -1'
PEG non-polymer DI(HYDROXYETHYL)ETHER 'C4 H10 O3'
#
# COMPACT_ATOMS: atom_id res chain seq x y z
N GLY A 15 -16.38 22.04 22.36
CA GLY A 15 -15.95 21.01 23.30
C GLY A 15 -16.89 19.83 23.27
N LYS A 16 -16.39 18.66 23.66
CA LYS A 16 -17.14 17.45 23.34
C LYS A 16 -16.51 16.27 24.08
N ASN A 17 -17.32 15.24 24.28
CA ASN A 17 -16.83 13.95 24.76
C ASN A 17 -16.32 13.09 23.61
N ILE A 18 -16.66 13.41 22.38
CA ILE A 18 -16.10 12.77 21.20
C ILE A 18 -14.86 13.55 20.78
N GLN A 19 -13.71 12.90 20.78
CA GLN A 19 -12.46 13.53 20.37
C GLN A 19 -11.87 12.78 19.20
N VAL A 20 -11.40 13.51 18.19
CA VAL A 20 -10.76 12.93 17.02
C VAL A 20 -9.35 13.51 16.93
N VAL A 21 -8.35 12.63 16.97
CA VAL A 21 -6.96 13.05 16.89
C VAL A 21 -6.28 12.31 15.75
N VAL A 22 -5.18 12.89 15.27
CA VAL A 22 -4.40 12.33 14.18
C VAL A 22 -2.99 12.07 14.69
N ARG A 23 -2.46 10.88 14.40
CA ARG A 23 -1.07 10.54 14.69
C ARG A 23 -0.39 10.18 13.38
N CYS A 24 0.65 10.93 13.04
CA CYS A 24 1.46 10.64 11.87
C CYS A 24 2.69 9.85 12.31
N ARG A 25 2.92 8.70 11.69
CA ARG A 25 4.13 7.93 11.97
C ARG A 25 5.30 8.46 11.13
N PRO A 26 6.52 8.24 11.59
CA PRO A 26 7.69 8.61 10.77
C PRO A 26 7.85 7.67 9.58
N PHE A 27 8.79 8.06 8.72
CA PHE A 27 9.12 7.26 7.54
C PHE A 27 9.54 5.85 7.94
N ASN A 28 9.15 4.88 7.12
CA ASN A 28 9.84 3.59 7.12
C ASN A 28 11.03 3.63 6.14
N LEU A 29 11.62 2.47 5.90
CA LEU A 29 12.72 2.41 4.93
C LEU A 29 12.24 2.24 3.48
N ALA A 30 11.14 1.51 3.27
CA ALA A 30 10.58 1.40 1.92
C ALA A 30 10.23 2.76 1.34
N GLU A 31 9.77 3.70 2.18
CA GLU A 31 9.41 5.01 1.65
C GLU A 31 10.65 5.85 1.34
N ARG A 32 11.71 5.70 2.15
CA ARG A 32 12.92 6.50 1.90
C ARG A 32 13.62 6.05 0.61
N LYS A 33 13.78 4.73 0.43
CA LYS A 33 14.52 4.25 -0.74
C LYS A 33 13.73 4.48 -2.02
N ALA A 34 12.40 4.32 -1.96
CA ALA A 34 11.55 4.53 -3.14
C ALA A 34 11.51 5.97 -3.60
N SER A 35 12.37 6.82 -3.03
CA SER A 35 12.48 8.25 -3.32
C SER A 35 11.26 9.03 -2.86
N ALA A 36 10.39 8.43 -2.05
CA ALA A 36 9.18 9.11 -1.62
C ALA A 36 9.54 10.30 -0.74
N HIS A 37 8.72 11.33 -0.82
CA HIS A 37 8.90 12.61 -0.16
CA HIS A 37 8.95 12.55 -0.06
C HIS A 37 7.77 12.81 0.84
N SER A 38 8.04 13.55 1.91
CA SER A 38 7.01 13.85 2.88
C SER A 38 6.03 14.88 2.31
N ILE A 39 4.74 14.60 2.48
CA ILE A 39 3.68 15.48 1.98
C ILE A 39 2.76 15.95 3.09
N VAL A 40 3.01 15.58 4.33
CA VAL A 40 2.13 15.89 5.45
C VAL A 40 2.84 16.87 6.37
N GLU A 41 2.12 17.90 6.79
CA GLU A 41 2.59 18.86 7.79
C GLU A 41 1.69 18.75 9.00
N CYS A 42 2.26 18.45 10.15
CA CYS A 42 1.51 18.32 11.40
C CYS A 42 1.88 19.48 12.30
N ASP A 43 0.89 20.29 12.66
CA ASP A 43 1.07 21.41 13.57
C ASP A 43 0.36 21.09 14.88
N PRO A 44 1.05 20.54 15.88
CA PRO A 44 0.39 20.27 17.16
C PRO A 44 -0.15 21.53 17.83
N VAL A 45 0.56 22.65 17.72
CA VAL A 45 0.11 23.88 18.37
C VAL A 45 -1.23 24.33 17.80
N ARG A 46 -1.33 24.41 16.47
CA ARG A 46 -2.57 24.80 15.82
C ARG A 46 -3.50 23.62 15.56
N LYS A 47 -3.13 22.41 15.99
CA LYS A 47 -3.97 21.22 15.86
C LYS A 47 -4.39 21.00 14.41
N GLU A 48 -3.42 21.12 13.50
CA GLU A 48 -3.69 21.10 12.08
C GLU A 48 -2.85 20.05 11.38
N VAL A 49 -3.44 19.41 10.36
CA VAL A 49 -2.73 18.52 9.45
C VAL A 49 -2.88 19.11 8.05
N SER A 50 -1.75 19.33 7.38
CA SER A 50 -1.74 19.86 6.03
C SER A 50 -1.07 18.86 5.09
N VAL A 51 -1.66 18.68 3.92
CA VAL A 51 -1.19 17.71 2.94
C VAL A 51 -0.90 18.44 1.64
N ARG A 52 0.34 18.33 1.18
CA ARG A 52 0.71 18.84 -0.13
C ARG A 52 0.04 17.98 -1.19
N THR A 53 -1.11 18.43 -1.68
CA THR A 53 -1.79 17.73 -2.77
C THR A 53 -1.22 18.10 -4.13
N GLY A 54 -0.56 19.25 -4.25
CA GLY A 54 0.08 19.63 -5.49
C GLY A 54 1.50 20.11 -5.28
N GLY A 55 1.75 20.77 -4.15
CA GLY A 55 3.09 21.22 -3.84
C GLY A 55 3.17 22.67 -3.37
N LEU A 56 3.42 23.59 -4.30
CA LEU A 56 3.67 24.98 -3.96
C LEU A 56 2.69 25.93 -4.66
N SER A 60 -1.72 26.69 -7.31
CA SER A 60 -1.48 25.43 -6.62
C SER A 60 -1.94 25.55 -5.17
N SER A 61 -1.95 24.44 -4.44
CA SER A 61 -2.52 24.53 -3.10
C SER A 61 -2.05 23.36 -2.24
N ARG A 62 -2.64 23.28 -1.05
CA ARG A 62 -2.42 22.27 -0.03
C ARG A 62 -3.67 22.29 0.84
N LYS A 63 -4.11 21.12 1.27
CA LYS A 63 -5.37 21.00 2.01
C LYS A 63 -5.09 20.89 3.50
N THR A 64 -5.77 21.71 4.29
CA THR A 64 -5.59 21.77 5.73
C THR A 64 -6.80 21.18 6.45
N TYR A 65 -6.53 20.31 7.42
CA TYR A 65 -7.56 19.76 8.30
C TYR A 65 -7.26 20.15 9.74
N THR A 66 -8.31 20.31 10.54
CA THR A 66 -8.18 20.64 11.95
C THR A 66 -8.86 19.56 12.79
N PHE A 67 -8.20 19.18 13.88
CA PHE A 67 -8.69 18.12 14.74
C PHE A 67 -8.53 18.54 16.20
N ASP A 68 -8.91 17.65 17.11
CA ASP A 68 -8.82 17.97 18.53
C ASP A 68 -7.38 17.96 19.02
N MET A 69 -6.57 17.04 18.51
CA MET A 69 -5.13 17.02 18.74
C MET A 69 -4.46 16.45 17.49
N VAL A 70 -3.22 16.85 17.28
CA VAL A 70 -2.42 16.34 16.17
C VAL A 70 -1.06 15.94 16.72
N PHE A 71 -0.70 14.68 16.53
CA PHE A 71 0.58 14.13 16.97
C PHE A 71 1.46 13.93 15.74
N GLY A 72 2.59 14.61 15.71
CA GLY A 72 3.52 14.50 14.60
C GLY A 72 4.38 13.27 14.69
N ALA A 73 5.29 13.14 13.71
CA ALA A 73 6.15 11.96 13.60
C ALA A 73 7.11 11.83 14.78
N SER A 74 7.28 12.87 15.59
CA SER A 74 8.14 12.83 16.75
C SER A 74 7.45 12.29 18.00
N THR A 75 6.16 11.98 17.92
CA THR A 75 5.39 11.66 19.12
C THR A 75 5.76 10.30 19.68
N LYS A 76 6.09 10.25 20.96
CA LYS A 76 6.38 9.01 21.66
C LYS A 76 5.10 8.37 22.19
N GLN A 77 5.17 7.07 22.45
CA GLN A 77 4.00 6.35 22.97
C GLN A 77 3.50 6.96 24.27
N ILE A 78 4.43 7.34 25.15
CA ILE A 78 4.04 7.87 26.45
C ILE A 78 3.22 9.14 26.30
N ASP A 79 3.53 9.95 25.28
CA ASP A 79 2.78 11.19 25.08
C ASP A 79 1.36 10.91 24.58
N VAL A 80 1.19 9.92 23.71
CA VAL A 80 -0.15 9.54 23.27
C VAL A 80 -0.98 9.09 24.46
N PHE A 81 -0.40 8.22 25.30
CA PHE A 81 -1.12 7.69 26.46
C PHE A 81 -1.51 8.81 27.42
N ARG A 82 -0.57 9.70 27.73
CA ARG A 82 -0.87 10.78 28.68
C ARG A 82 -1.90 11.74 28.12
N SER A 83 -1.83 12.05 26.83
CA SER A 83 -2.71 13.06 26.26
C SER A 83 -4.11 12.52 26.02
N VAL A 84 -4.21 11.36 25.38
CA VAL A 84 -5.50 10.84 24.94
C VAL A 84 -6.11 9.93 25.98
N VAL A 85 -5.35 8.96 26.49
CA VAL A 85 -5.93 7.86 27.25
C VAL A 85 -6.19 8.25 28.70
N CYS A 86 -5.20 8.86 29.35
CA CYS A 86 -5.31 9.19 30.77
C CYS A 86 -6.59 9.94 31.13
N PRO A 87 -7.00 11.00 30.41
CA PRO A 87 -8.31 11.60 30.72
C PRO A 87 -9.46 10.61 30.56
N ILE A 88 -9.36 9.71 29.60
CA ILE A 88 -10.42 8.73 29.40
C ILE A 88 -10.38 7.65 30.48
N LEU A 89 -9.18 7.20 30.83
CA LEU A 89 -9.05 6.19 31.87
C LEU A 89 -9.54 6.70 33.21
N ASP A 90 -9.38 8.01 33.48
CA ASP A 90 -9.94 8.60 34.70
C ASP A 90 -11.45 8.41 34.76
N GLU A 91 -12.15 8.60 33.64
CA GLU A 91 -13.59 8.40 33.61
C GLU A 91 -13.95 6.92 33.79
N VAL A 92 -13.14 6.03 33.21
CA VAL A 92 -13.40 4.59 33.36
C VAL A 92 -13.32 4.20 34.84
N ILE A 93 -12.25 4.62 35.52
CA ILE A 93 -12.07 4.30 36.93
C ILE A 93 -13.17 4.91 37.79
N MET A 94 -13.78 6.01 37.33
CA MET A 94 -14.96 6.52 38.03
C MET A 94 -16.22 5.70 37.77
N GLY A 95 -16.19 4.77 36.82
CA GLY A 95 -17.30 3.86 36.66
C GLY A 95 -18.10 4.04 35.37
N TYR A 96 -17.43 4.47 34.30
CA TYR A 96 -18.10 4.69 33.03
C TYR A 96 -17.48 3.79 31.96
N ASN A 97 -18.19 3.66 30.85
CA ASN A 97 -17.76 2.83 29.73
C ASN A 97 -17.27 3.73 28.61
N CYS A 98 -16.03 3.52 28.18
CA CYS A 98 -15.40 4.39 27.20
C CYS A 98 -14.77 3.55 26.09
N THR A 99 -14.50 4.21 24.96
CA THR A 99 -13.97 3.53 23.79
C THR A 99 -12.93 4.39 23.10
N ILE A 100 -11.82 3.78 22.70
CA ILE A 100 -10.78 4.43 21.93
C ILE A 100 -10.56 3.63 20.65
N PHE A 101 -10.63 4.30 19.51
CA PHE A 101 -10.47 3.67 18.21
C PHE A 101 -9.10 4.02 17.62
N ALA A 102 -8.54 3.07 16.89
CA ALA A 102 -7.39 3.33 16.01
C ALA A 102 -7.84 3.05 14.58
N TYR A 103 -7.93 4.09 13.77
CA TYR A 103 -8.42 4.02 12.39
C TYR A 103 -7.30 4.44 11.46
N GLY A 104 -7.18 3.78 10.32
CA GLY A 104 -6.22 4.20 9.32
C GLY A 104 -5.73 3.04 8.48
N GLN A 105 -4.91 3.39 7.49
CA GLN A 105 -4.40 2.44 6.52
C GLN A 105 -3.45 1.44 7.18
N THR A 106 -3.49 0.19 6.69
CA THR A 106 -2.52 -0.82 7.11
C THR A 106 -1.11 -0.27 6.99
N GLY A 107 -0.32 -0.46 8.06
CA GLY A 107 1.05 -0.01 8.08
C GLY A 107 1.28 1.38 8.62
N THR A 108 0.23 2.06 9.09
CA THR A 108 0.37 3.42 9.61
C THR A 108 0.48 3.50 11.13
N GLY A 109 0.21 2.42 11.85
CA GLY A 109 0.47 2.41 13.28
C GLY A 109 -0.71 2.17 14.20
N LYS A 110 -1.79 1.58 13.68
CA LYS A 110 -2.94 1.28 14.52
C LYS A 110 -2.57 0.31 15.63
N THR A 111 -1.91 -0.80 15.29
CA THR A 111 -1.52 -1.77 16.31
C THR A 111 -0.37 -1.24 17.15
N PHE A 112 0.57 -0.52 16.54
CA PHE A 112 1.64 0.11 17.30
C PHE A 112 1.07 1.08 18.35
N THR A 113 0.06 1.85 17.98
CA THR A 113 -0.53 2.80 18.92
C THR A 113 -1.32 2.08 20.00
N MET A 114 -2.16 1.12 19.60
CA MET A 114 -3.10 0.50 20.52
C MET A 114 -2.42 -0.55 21.40
N GLU A 115 -1.35 -1.17 20.91
CA GLU A 115 -0.77 -2.32 21.57
C GLU A 115 0.71 -2.10 21.84
N GLY A 116 1.44 -1.61 20.84
CA GLY A 116 2.86 -1.37 21.00
C GLY A 116 3.68 -2.63 20.77
N GLU A 117 4.98 -2.51 21.06
CA GLU A 117 5.93 -3.56 20.79
C GLU A 117 6.87 -3.71 21.98
N ARG A 118 7.56 -4.85 22.03
CA ARG A 118 8.57 -5.10 23.05
C ARG A 118 9.93 -4.71 22.52
N SER A 119 10.70 -3.98 23.32
CA SER A 119 12.06 -3.66 22.95
C SER A 119 12.95 -4.89 23.15
N PRO A 120 13.68 -5.32 22.12
CA PRO A 120 14.53 -6.51 22.30
C PRO A 120 15.71 -6.26 23.21
N ASN A 121 16.28 -5.05 23.20
CA ASN A 121 17.34 -4.74 24.14
C ASN A 121 16.76 -4.49 25.52
N GLU A 122 17.58 -4.80 26.54
CA GLU A 122 17.21 -4.62 27.94
C GLU A 122 16.00 -5.45 28.33
N GLU A 123 15.38 -5.10 29.46
CA GLU A 123 14.16 -5.79 29.91
C GLU A 123 13.49 -4.88 30.94
N TYR A 124 12.33 -4.35 30.57
CA TYR A 124 11.64 -3.37 31.40
C TYR A 124 10.73 -4.09 32.40
N THR A 125 10.92 -3.77 33.68
CA THR A 125 10.27 -4.51 34.75
C THR A 125 9.49 -3.59 35.68
N TRP A 126 10.18 -2.62 36.28
CA TRP A 126 9.55 -1.55 37.04
C TRP A 126 9.25 -0.34 36.17
N GLU A 127 9.77 -0.36 34.95
CA GLU A 127 9.68 0.72 33.99
C GLU A 127 8.85 0.24 32.82
N GLU A 128 8.14 1.17 32.18
CA GLU A 128 7.37 0.82 30.99
C GLU A 128 8.27 0.87 29.76
N ASP A 129 8.22 -0.19 28.97
CA ASP A 129 8.89 -0.22 27.68
C ASP A 129 8.49 1.02 26.89
N PRO A 130 9.45 1.85 26.46
CA PRO A 130 9.09 3.09 25.74
C PRO A 130 8.28 2.85 24.47
N LEU A 131 8.19 1.59 24.03
CA LEU A 131 7.42 1.22 22.85
C LEU A 131 6.08 0.61 23.20
N ALA A 132 5.82 0.34 24.49
CA ALA A 132 4.53 -0.18 24.91
C ALA A 132 3.43 0.77 24.50
N GLY A 133 2.32 0.22 24.01
CA GLY A 133 1.20 0.99 23.54
C GLY A 133 0.16 1.22 24.61
N ILE A 134 -1.05 1.55 24.15
CA ILE A 134 -2.13 1.95 25.04
C ILE A 134 -2.57 0.79 25.93
N ILE A 135 -2.75 -0.40 25.35
CA ILE A 135 -3.25 -1.54 26.14
C ILE A 135 -2.33 -1.89 27.30
N PRO A 136 -1.02 -2.07 27.13
CA PRO A 136 -0.18 -2.37 28.30
C PRO A 136 -0.12 -1.22 29.30
N ARG A 137 0.02 0.02 28.82
CA ARG A 137 0.06 1.16 29.73
C ARG A 137 -1.26 1.31 30.50
N THR A 138 -2.37 0.93 29.89
CA THR A 138 -3.66 1.03 30.55
C THR A 138 -3.74 0.08 31.74
N LEU A 139 -3.43 -1.19 31.51
CA LEU A 139 -3.48 -2.19 32.57
C LEU A 139 -2.48 -1.87 33.69
N HIS A 140 -1.32 -1.31 33.35
CA HIS A 140 -0.34 -0.99 34.37
C HIS A 140 -0.78 0.19 35.23
N GLN A 141 -1.46 1.17 34.62
CA GLN A 141 -1.96 2.30 35.40
C GLN A 141 -3.14 1.90 36.28
N ILE A 142 -4.01 1.02 35.77
CA ILE A 142 -5.12 0.51 36.56
C ILE A 142 -4.62 -0.15 37.83
N PHE A 143 -3.64 -1.05 37.70
CA PHE A 143 -3.14 -1.77 38.85
C PHE A 143 -2.40 -0.86 39.82
N GLU A 144 -1.62 0.09 39.30
CA GLU A 144 -0.86 0.97 40.19
C GLU A 144 -1.76 1.97 40.90
N LYS A 145 -2.76 2.51 40.20
CA LYS A 145 -3.59 3.56 40.79
C LYS A 145 -4.55 2.98 41.82
N LEU A 146 -5.20 1.87 41.51
CA LEU A 146 -6.20 1.32 42.44
C LEU A 146 -5.56 0.63 43.63
N THR A 147 -4.36 0.08 43.47
CA THR A 147 -3.66 -0.49 44.62
C THR A 147 -3.19 0.62 45.56
N ASP A 148 -2.77 1.76 44.99
CA ASP A 148 -2.20 2.83 45.79
C ASP A 148 -3.23 3.58 46.64
N ASN A 149 -4.52 3.52 46.28
CA ASN A 149 -5.54 4.23 47.03
C ASN A 149 -6.46 3.29 47.81
N GLY A 150 -6.06 2.03 47.98
CA GLY A 150 -6.80 1.11 48.82
C GLY A 150 -8.09 0.58 48.22
N THR A 151 -8.25 0.66 46.91
CA THR A 151 -9.48 0.17 46.28
C THR A 151 -9.47 -1.36 46.24
N GLU A 152 -10.60 -1.95 46.62
CA GLU A 152 -10.81 -3.38 46.39
C GLU A 152 -11.31 -3.55 44.96
N PHE A 153 -10.50 -4.16 44.11
CA PHE A 153 -10.80 -4.19 42.68
C PHE A 153 -10.40 -5.51 42.07
N SER A 154 -11.04 -5.81 40.93
CA SER A 154 -10.72 -6.94 40.09
C SER A 154 -10.79 -6.50 38.63
N VAL A 155 -10.04 -7.19 37.78
CA VAL A 155 -9.88 -6.81 36.38
C VAL A 155 -10.14 -8.02 35.49
N LYS A 156 -10.99 -7.85 34.47
CA LYS A 156 -11.21 -8.83 33.43
C LYS A 156 -10.85 -8.23 32.08
N VAL A 157 -10.35 -9.07 31.18
CA VAL A 157 -10.09 -8.66 29.80
C VAL A 157 -10.69 -9.69 28.85
N SER A 158 -11.27 -9.21 27.77
CA SER A 158 -11.66 -10.05 26.65
C SER A 158 -11.03 -9.48 25.38
N LEU A 159 -10.86 -10.35 24.39
CA LEU A 159 -10.29 -9.96 23.10
C LEU A 159 -11.03 -10.73 22.03
N LEU A 160 -11.77 -10.01 21.19
CA LEU A 160 -12.44 -10.64 20.06
C LEU A 160 -12.01 -9.97 18.76
N GLU A 161 -12.29 -10.65 17.67
CA GLU A 161 -11.91 -10.21 16.34
C GLU A 161 -13.13 -10.30 15.45
N ILE A 162 -13.37 -9.26 14.65
CA ILE A 162 -14.52 -9.19 13.76
C ILE A 162 -13.99 -9.20 12.34
N TYR A 163 -14.30 -10.27 11.60
CA TYR A 163 -13.93 -10.39 10.19
C TYR A 163 -15.17 -10.80 9.40
N ASN A 164 -15.46 -10.06 8.32
CA ASN A 164 -16.61 -10.34 7.48
C ASN A 164 -17.91 -10.32 8.29
N GLU A 165 -17.96 -9.46 9.30
CA GLU A 165 -19.12 -9.33 10.20
C GLU A 165 -19.37 -10.60 11.00
N GLU A 166 -18.31 -11.34 11.33
CA GLU A 166 -18.40 -12.53 12.15
C GLU A 166 -17.39 -12.43 13.29
N LEU A 167 -17.79 -12.89 14.47
CA LEU A 167 -17.04 -12.71 15.70
C LEU A 167 -16.21 -13.95 16.01
N PHE A 168 -14.94 -13.74 16.35
CA PHE A 168 -14.05 -14.82 16.76
C PHE A 168 -13.40 -14.45 18.08
N ASP A 169 -13.60 -15.28 19.10
CA ASP A 169 -12.93 -15.09 20.38
C ASP A 169 -11.45 -15.45 20.21
N LEU A 170 -10.57 -14.54 20.62
CA LEU A 170 -9.13 -14.77 20.55
C LEU A 170 -8.52 -15.21 21.87
N LEU A 171 -9.34 -15.41 22.90
CA LEU A 171 -8.86 -15.75 24.23
C LEU A 171 -9.37 -17.09 24.73
N ASN A 172 -10.21 -17.77 23.97
CA ASN A 172 -10.71 -19.07 24.40
C ASN A 172 -9.60 -20.11 24.29
N PRO A 173 -9.11 -20.65 25.40
CA PRO A 173 -7.98 -21.59 25.32
C PRO A 173 -8.31 -22.88 24.56
N SER A 174 -9.57 -23.11 24.18
CA SER A 174 -9.98 -24.47 23.80
C SER A 174 -11.08 -24.53 22.74
N SER A 175 -11.24 -23.48 21.94
CA SER A 175 -12.33 -23.50 20.97
C SER A 175 -11.83 -24.12 19.66
N ASP A 176 -12.69 -24.09 18.64
CA ASP A 176 -12.54 -24.90 17.43
C ASP A 176 -12.20 -24.06 16.20
N VAL A 177 -11.67 -22.85 16.39
CA VAL A 177 -11.18 -21.98 15.33
C VAL A 177 -12.28 -21.53 14.38
N SER A 178 -13.10 -22.48 13.89
CA SER A 178 -14.23 -22.09 13.06
C SER A 178 -15.44 -21.65 13.86
N GLU A 179 -15.39 -21.78 15.19
CA GLU A 179 -16.52 -21.42 16.03
C GLU A 179 -16.61 -19.90 16.14
N ARG A 180 -17.74 -19.36 15.68
CA ARG A 180 -18.02 -17.93 15.79
C ARG A 180 -18.90 -17.66 16.99
N LEU A 181 -18.70 -16.50 17.61
CA LEU A 181 -19.51 -16.11 18.75
C LEU A 181 -20.88 -15.66 18.29
N GLN A 182 -21.91 -16.01 19.06
CA GLN A 182 -23.25 -15.53 18.78
C GLN A 182 -23.61 -14.41 19.74
N MET A 183 -24.46 -13.51 19.26
CA MET A 183 -24.72 -12.24 19.92
C MET A 183 -26.23 -12.08 20.13
N PHE A 184 -26.64 -11.81 21.36
CA PHE A 184 -28.05 -11.67 21.69
C PHE A 184 -28.29 -10.36 22.44
N ASP A 185 -29.48 -9.81 22.25
CA ASP A 185 -29.84 -8.59 22.96
C ASP A 185 -29.95 -8.85 24.45
N ASP A 186 -29.55 -7.85 25.23
CA ASP A 186 -29.49 -7.97 26.68
C ASP A 186 -30.81 -7.52 27.28
N PRO A 187 -31.60 -8.41 27.88
CA PRO A 187 -32.91 -8.00 28.42
C PRO A 187 -32.81 -7.02 29.59
N ARG A 188 -31.64 -6.86 30.21
CA ARG A 188 -31.52 -5.95 31.35
C ARG A 188 -31.28 -4.52 30.89
N ASN A 189 -30.47 -4.33 29.84
CA ASN A 189 -30.18 -3.01 29.29
C ASN A 189 -30.39 -3.05 27.78
N LYS A 190 -31.33 -2.24 27.30
CA LYS A 190 -31.73 -2.30 25.89
C LYS A 190 -30.58 -1.95 24.97
N ARG A 191 -29.60 -1.18 25.44
CA ARG A 191 -28.48 -0.76 24.63
C ARG A 191 -27.28 -1.70 24.73
N GLY A 192 -27.34 -2.71 25.59
CA GLY A 192 -26.29 -3.68 25.71
C GLY A 192 -26.57 -4.94 24.90
N VAL A 193 -25.54 -5.77 24.77
CA VAL A 193 -25.65 -7.07 24.11
C VAL A 193 -24.91 -8.09 24.94
N ILE A 194 -25.22 -9.36 24.69
CA ILE A 194 -24.58 -10.48 25.35
C ILE A 194 -23.84 -11.27 24.29
N ILE A 195 -22.52 -11.38 24.44
CA ILE A 195 -21.69 -12.20 23.56
C ILE A 195 -21.50 -13.53 24.28
N LYS A 196 -22.35 -14.51 23.95
CA LYS A 196 -22.35 -15.79 24.64
C LYS A 196 -21.04 -16.53 24.40
N GLY A 197 -20.43 -17.01 25.48
CA GLY A 197 -19.20 -17.77 25.40
C GLY A 197 -17.94 -16.94 25.35
N LEU A 198 -18.04 -15.61 25.39
CA LEU A 198 -16.85 -14.76 25.31
C LEU A 198 -15.96 -15.00 26.52
N GLU A 199 -14.75 -15.48 26.26
CA GLU A 199 -13.78 -15.70 27.33
C GLU A 199 -13.39 -14.36 27.95
N GLU A 200 -13.42 -14.29 29.28
CA GLU A 200 -12.99 -13.10 30.01
C GLU A 200 -11.96 -13.54 31.05
N ILE A 201 -10.70 -13.27 30.77
CA ILE A 201 -9.61 -13.74 31.63
C ILE A 201 -9.42 -12.76 32.77
N THR A 202 -9.33 -13.29 33.99
CA THR A 202 -9.00 -12.48 35.14
C THR A 202 -7.53 -12.07 35.08
N VAL A 203 -7.26 -10.78 35.17
CA VAL A 203 -5.90 -10.27 35.24
C VAL A 203 -5.53 -10.14 36.72
N HIS A 204 -4.56 -10.94 37.16
CA HIS A 204 -4.23 -11.01 38.58
C HIS A 204 -3.14 -10.04 39.00
N ASN A 205 -2.32 -9.57 38.08
CA ASN A 205 -1.25 -8.63 38.43
C ASN A 205 -0.97 -7.72 37.26
N LYS A 206 0.00 -6.82 37.46
CA LYS A 206 0.26 -5.73 36.52
C LYS A 206 0.74 -6.23 35.17
N ASP A 207 1.62 -7.24 35.15
CA ASP A 207 2.29 -7.64 33.93
C ASP A 207 1.58 -8.76 33.18
N GLU A 208 0.50 -9.32 33.73
CA GLU A 208 -0.14 -10.48 33.12
C GLU A 208 -0.71 -10.17 31.74
N VAL A 209 -0.83 -8.88 31.38
CA VAL A 209 -1.44 -8.51 30.10
C VAL A 209 -0.57 -9.00 28.93
N TYR A 210 0.74 -9.13 29.13
CA TYR A 210 1.63 -9.47 28.02
C TYR A 210 1.44 -10.92 27.59
N GLN A 211 1.29 -11.85 28.54
CA GLN A 211 1.00 -13.22 28.16
C GLN A 211 -0.42 -13.36 27.61
N ILE A 212 -1.34 -12.50 28.05
CA ILE A 212 -2.69 -12.53 27.49
C ILE A 212 -2.66 -12.15 26.01
N LEU A 213 -1.93 -11.08 25.68
CA LEU A 213 -1.82 -10.65 24.28
C LEU A 213 -1.06 -11.68 23.45
N GLU A 214 -0.11 -12.39 24.05
CA GLU A 214 0.57 -13.45 23.32
C GLU A 214 -0.39 -14.58 22.95
N LYS A 215 -1.24 -15.01 23.89
CA LYS A 215 -2.23 -16.03 23.58
C LYS A 215 -3.18 -15.56 22.48
N GLY A 216 -3.62 -14.30 22.57
CA GLY A 216 -4.50 -13.76 21.55
C GLY A 216 -3.84 -13.67 20.18
N ALA A 217 -2.54 -13.40 20.15
CA ALA A 217 -1.83 -13.35 18.88
C ALA A 217 -1.66 -14.74 18.28
N ALA A 218 -1.46 -15.76 19.12
CA ALA A 218 -1.38 -17.13 18.61
C ALA A 218 -2.73 -17.58 18.05
N LYS A 219 -3.81 -17.27 18.75
CA LYS A 219 -5.14 -17.56 18.21
C LYS A 219 -5.41 -16.76 16.94
N ARG A 220 -4.86 -15.55 16.86
CA ARG A 220 -5.10 -14.70 15.70
C ARG A 220 -4.46 -15.27 14.44
N THR A 221 -3.20 -15.70 14.54
CA THR A 221 -2.53 -16.25 13.37
C THR A 221 -3.13 -17.61 12.98
N THR A 222 -3.57 -18.39 13.96
CA THR A 222 -4.26 -19.63 13.66
C THR A 222 -5.57 -19.38 12.91
N ALA A 223 -6.35 -18.40 13.36
CA ALA A 223 -7.56 -18.03 12.62
C ALA A 223 -7.21 -17.50 11.24
N ALA A 224 -6.05 -16.86 11.09
CA ALA A 224 -5.64 -16.38 9.78
C ALA A 224 -5.29 -17.54 8.86
N THR A 225 -4.51 -18.50 9.34
CA THR A 225 -4.04 -19.56 8.46
C THR A 225 -5.14 -20.57 8.15
N LEU A 226 -6.03 -20.81 9.10
CA LEU A 226 -7.05 -21.84 8.91
C LEU A 226 -8.37 -21.29 8.36
N MET A 227 -8.65 -20.01 8.55
CA MET A 227 -9.95 -19.44 8.18
C MET A 227 -9.86 -18.22 7.28
N ASN A 228 -8.65 -17.80 6.89
CA ASN A 228 -8.40 -16.62 6.07
C ASN A 228 -8.86 -15.33 6.75
N ALA A 229 -8.98 -15.33 8.08
CA ALA A 229 -9.35 -14.13 8.82
C ALA A 229 -8.07 -13.31 9.05
N TYR A 230 -7.69 -12.57 8.03
CA TYR A 230 -6.42 -11.83 8.07
C TYR A 230 -6.56 -10.62 8.99
N SER A 231 -5.58 -10.45 9.88
CA SER A 231 -5.69 -9.44 10.93
C SER A 231 -5.72 -8.03 10.38
N SER A 232 -5.12 -7.80 9.20
CA SER A 232 -5.18 -6.47 8.60
C SER A 232 -6.55 -6.13 8.05
N ARG A 233 -7.43 -7.11 7.90
CA ARG A 233 -8.77 -6.90 7.35
C ARG A 233 -9.85 -7.05 8.41
N SER A 234 -9.49 -7.16 9.68
CA SER A 234 -10.47 -7.42 10.73
C SER A 234 -10.31 -6.42 11.86
N HIS A 235 -11.41 -6.19 12.57
CA HIS A 235 -11.38 -5.36 13.77
C HIS A 235 -11.01 -6.20 14.97
N SER A 236 -10.20 -5.63 15.85
CA SER A 236 -9.84 -6.25 17.11
C SER A 236 -10.42 -5.42 18.24
N VAL A 237 -11.21 -6.04 19.11
CA VAL A 237 -11.86 -5.36 20.22
C VAL A 237 -11.28 -5.92 21.52
N PHE A 238 -10.49 -5.09 22.21
CA PHE A 238 -9.91 -5.44 23.51
C PHE A 238 -10.64 -4.66 24.58
N SER A 239 -11.36 -5.38 25.45
CA SER A 239 -12.18 -4.76 26.47
C SER A 239 -11.63 -5.09 27.86
N VAL A 240 -11.42 -4.06 28.67
CA VAL A 240 -11.00 -4.22 30.05
C VAL A 240 -12.15 -3.79 30.94
N THR A 241 -12.51 -4.65 31.89
CA THR A 241 -13.59 -4.38 32.84
C THR A 241 -13.02 -4.37 34.24
N ILE A 242 -13.31 -3.31 34.98
CA ILE A 242 -12.83 -3.14 36.35
C ILE A 242 -14.03 -3.07 37.28
N HIS A 243 -14.15 -4.04 38.18
CA HIS A 243 -15.11 -3.96 39.28
C HIS A 243 -14.42 -3.34 40.48
N MET A 244 -15.05 -2.34 41.09
CA MET A 244 -14.40 -1.52 42.10
C MET A 244 -15.29 -1.35 43.32
N LYS A 245 -14.73 -1.62 44.49
CA LYS A 245 -15.35 -1.31 45.78
C LYS A 245 -14.37 -0.44 46.55
N GLU A 246 -14.72 0.84 46.68
CA GLU A 246 -13.86 1.84 47.31
C GLU A 246 -14.47 2.24 48.65
N THR A 247 -13.75 1.99 49.73
CA THR A 247 -14.20 2.29 51.08
C THR A 247 -13.37 3.43 51.66
N THR A 248 -14.03 4.46 52.16
CA THR A 248 -13.38 5.54 52.89
C THR A 248 -14.13 5.73 54.20
N ILE A 249 -13.45 5.45 55.32
CA ILE A 249 -14.03 5.77 56.63
C ILE A 249 -14.28 7.27 56.70
N ASP A 250 -15.48 7.65 57.16
CA ASP A 250 -16.00 9.01 57.17
C ASP A 250 -16.21 9.55 55.77
N GLY A 251 -16.08 8.70 54.75
CA GLY A 251 -16.49 9.02 53.39
C GLY A 251 -17.66 8.16 52.98
N GLU A 252 -17.57 7.49 51.83
CA GLU A 252 -18.64 6.61 51.38
C GLU A 252 -18.06 5.34 50.81
N GLU A 253 -18.95 4.36 50.61
CA GLU A 253 -18.61 3.06 50.03
C GLU A 253 -19.08 3.05 48.58
N LEU A 254 -18.13 3.09 47.65
CA LEU A 254 -18.43 3.21 46.24
C LEU A 254 -18.31 1.86 45.56
N VAL A 255 -19.37 1.42 44.90
CA VAL A 255 -19.36 0.23 44.06
C VAL A 255 -19.43 0.69 42.62
N LYS A 256 -18.34 0.53 41.89
CA LYS A 256 -18.25 0.99 40.51
C LYS A 256 -17.86 -0.15 39.59
N ILE A 257 -18.28 -0.04 38.34
CA ILE A 257 -17.83 -0.92 37.28
C ILE A 257 -17.37 -0.04 36.12
N GLY A 258 -16.09 -0.15 35.78
CA GLY A 258 -15.50 0.61 34.69
C GLY A 258 -15.20 -0.30 33.52
N LYS A 259 -15.34 0.23 32.31
CA LYS A 259 -15.11 -0.53 31.09
C LYS A 259 -14.44 0.33 30.04
N LEU A 260 -13.33 -0.14 29.49
CA LEU A 260 -12.63 0.55 28.42
C LEU A 260 -12.43 -0.41 27.26
N ASN A 261 -12.96 -0.06 26.10
CA ASN A 261 -12.78 -0.84 24.89
C ASN A 261 -11.70 -0.18 24.05
N LEU A 262 -10.65 -0.92 23.74
CA LEU A 262 -9.54 -0.45 22.93
C LEU A 262 -9.62 -1.18 21.60
N VAL A 263 -9.99 -0.44 20.56
CA VAL A 263 -10.44 -1.04 19.30
C VAL A 263 -9.41 -0.74 18.22
N ASP A 264 -8.79 -1.79 17.70
CA ASP A 264 -7.80 -1.71 16.64
C ASP A 264 -8.51 -2.12 15.35
N LEU A 265 -8.89 -1.13 14.55
CA LEU A 265 -9.83 -1.37 13.45
C LEU A 265 -9.14 -2.01 12.26
N ALA A 266 -9.96 -2.56 11.37
CA ALA A 266 -9.44 -3.09 10.10
C ALA A 266 -8.83 -1.97 9.28
N GLY A 267 -7.91 -2.35 8.40
CA GLY A 267 -7.26 -1.36 7.55
C GLY A 267 -8.29 -0.56 6.77
N SER A 268 -8.07 0.76 6.69
CA SER A 268 -9.04 1.65 6.07
C SER A 268 -8.95 1.63 4.55
N GLU A 269 -7.91 1.02 3.97
CA GLU A 269 -7.90 0.85 2.52
C GLU A 269 -8.98 -0.10 2.06
N ASN A 270 -9.58 -0.87 2.98
CA ASN A 270 -10.66 -1.79 2.65
C ASN A 270 -11.95 -1.04 2.38
N ASN A 288 -15.76 -3.54 4.81
CA ASN A 288 -15.92 -2.37 3.94
C ASN A 288 -16.97 -1.41 4.51
N GLN A 289 -18.21 -1.88 4.64
CA GLN A 289 -19.30 -1.02 5.08
C GLN A 289 -19.29 -0.79 6.60
N SER A 290 -18.73 -1.73 7.37
CA SER A 290 -18.71 -1.57 8.82
C SER A 290 -17.91 -0.35 9.26
N LEU A 291 -16.85 0.01 8.52
CA LEU A 291 -16.13 1.24 8.83
C LEU A 291 -16.99 2.46 8.54
N LEU A 292 -17.71 2.45 7.42
CA LEU A 292 -18.59 3.57 7.09
C LEU A 292 -19.77 3.66 8.04
N THR A 293 -20.23 2.51 8.55
CA THR A 293 -21.27 2.53 9.58
C THR A 293 -20.73 3.13 10.87
N LEU A 294 -19.52 2.75 11.27
CA LEU A 294 -18.88 3.39 12.42
C LEU A 294 -18.76 4.89 12.21
N GLY A 295 -18.45 5.31 10.99
CA GLY A 295 -18.37 6.74 10.71
C GLY A 295 -19.70 7.45 10.91
N ARG A 296 -20.76 6.90 10.35
CA ARG A 296 -22.09 7.50 10.50
C ARG A 296 -22.52 7.56 11.96
N VAL A 297 -22.06 6.61 12.78
CA VAL A 297 -22.43 6.60 14.20
C VAL A 297 -21.72 7.74 14.93
N ILE A 298 -20.42 7.89 14.69
CA ILE A 298 -19.68 8.97 15.35
C ILE A 298 -20.20 10.33 14.88
N THR A 299 -20.40 10.48 13.57
CA THR A 299 -20.93 11.72 13.04
C THR A 299 -22.27 12.07 13.68
N ALA A 300 -23.15 11.07 13.81
CA ALA A 300 -24.45 11.30 14.43
C ALA A 300 -24.31 11.67 15.90
N LEU A 301 -23.39 11.02 16.61
CA LEU A 301 -23.14 11.37 18.00
C LEU A 301 -22.58 12.78 18.13
N VAL A 302 -21.72 13.19 17.20
CA VAL A 302 -21.17 14.55 17.25
C VAL A 302 -22.26 15.57 16.93
N GLU A 303 -22.97 15.36 15.82
CA GLU A 303 -24.01 16.29 15.39
C GLU A 303 -25.30 16.16 16.20
N ARG A 304 -25.41 15.14 17.06
CA ARG A 304 -26.58 14.91 17.89
C ARG A 304 -27.84 14.77 17.04
N THR A 305 -27.76 13.90 15.99
CA THR A 305 -28.94 13.61 15.19
C THR A 305 -29.63 12.36 15.73
N PRO A 306 -30.96 12.29 15.60
CA PRO A 306 -31.69 11.17 16.16
C PRO A 306 -31.42 9.86 15.42
N HIS A 307 -31.65 8.77 16.13
CA HIS A 307 -31.52 7.41 15.59
C HIS A 307 -30.10 7.14 15.09
N VAL A 308 -29.18 7.14 16.04
CA VAL A 308 -27.80 6.73 15.75
C VAL A 308 -27.82 5.29 15.25
N PRO A 309 -27.25 4.98 14.08
CA PRO A 309 -27.43 3.65 13.46
C PRO A 309 -26.55 2.55 14.06
N TYR A 310 -26.67 2.37 15.39
CA TYR A 310 -25.85 1.37 16.09
C TYR A 310 -26.01 -0.02 15.49
N ARG A 311 -27.23 -0.40 15.14
CA ARG A 311 -27.53 -1.77 14.77
C ARG A 311 -27.16 -2.12 13.34
N GLU A 312 -26.64 -1.18 12.56
CA GLU A 312 -26.31 -1.47 11.16
C GLU A 312 -24.96 -2.15 10.99
N SER A 313 -24.23 -2.39 12.08
CA SER A 313 -22.99 -3.16 12.02
C SER A 313 -22.81 -3.88 13.35
N LYS A 314 -22.12 -5.03 13.29
CA LYS A 314 -21.81 -5.78 14.51
C LYS A 314 -20.96 -4.95 15.46
N LEU A 315 -19.95 -4.25 14.94
CA LEU A 315 -19.01 -3.53 15.80
C LEU A 315 -19.73 -2.43 16.60
N THR A 316 -20.53 -1.60 15.93
CA THR A 316 -21.21 -0.52 16.63
C THR A 316 -22.28 -1.05 17.57
N ARG A 317 -22.84 -2.23 17.27
CA ARG A 317 -23.78 -2.86 18.19
C ARG A 317 -23.06 -3.37 19.44
N ILE A 318 -21.84 -3.90 19.27
CA ILE A 318 -21.02 -4.31 20.41
C ILE A 318 -20.73 -3.13 21.32
N LEU A 319 -20.43 -1.97 20.72
CA LEU A 319 -19.93 -0.81 21.45
C LEU A 319 -21.03 0.18 21.81
N GLN A 320 -22.30 -0.16 21.52
CA GLN A 320 -23.38 0.80 21.74
C GLN A 320 -23.45 1.23 23.19
N ASP A 321 -23.35 0.28 24.13
CA ASP A 321 -23.44 0.59 25.54
C ASP A 321 -22.30 1.48 26.01
N SER A 322 -21.19 1.54 25.27
CA SER A 322 -20.10 2.46 25.59
C SER A 322 -20.16 3.74 24.78
N LEU A 323 -20.85 3.74 23.65
CA LEU A 323 -21.02 4.94 22.84
C LEU A 323 -22.33 5.67 23.14
N GLY A 324 -23.39 4.93 23.48
CA GLY A 324 -24.70 5.50 23.72
C GLY A 324 -24.80 6.27 25.02
N GLY A 325 -24.55 5.60 26.15
CA GLY A 325 -24.44 6.28 27.42
C GLY A 325 -23.36 7.33 27.33
N ARG A 326 -23.69 8.58 27.70
CA ARG A 326 -22.81 9.70 27.39
C ARG A 326 -21.51 9.58 28.17
N THR A 327 -20.43 9.28 27.46
CA THR A 327 -19.10 9.10 28.02
C THR A 327 -18.09 9.66 27.04
N ARG A 328 -16.80 9.42 27.29
CA ARG A 328 -15.74 9.91 26.43
C ARG A 328 -15.39 8.86 25.37
N THR A 329 -15.30 9.31 24.12
CA THR A 329 -14.85 8.50 23.01
C THR A 329 -13.75 9.24 22.27
N SER A 330 -12.72 8.52 21.87
CA SER A 330 -11.65 9.10 21.07
C SER A 330 -11.35 8.19 19.89
N ILE A 331 -11.10 8.82 18.75
CA ILE A 331 -10.61 8.14 17.55
C ILE A 331 -9.20 8.65 17.28
N ILE A 332 -8.26 7.73 17.19
CA ILE A 332 -6.88 8.04 16.81
C ILE A 332 -6.73 7.64 15.35
N ALA A 333 -6.72 8.62 14.45
CA ALA A 333 -6.58 8.37 13.02
C ALA A 333 -5.10 8.38 12.68
N THR A 334 -4.57 7.24 12.27
CA THR A 334 -3.15 7.08 11.98
C THR A 334 -2.91 7.26 10.48
N ILE A 335 -1.84 7.98 10.15
CA ILE A 335 -1.48 8.26 8.76
C ILE A 335 0.03 8.13 8.60
N SER A 336 0.44 7.94 7.37
CA SER A 336 1.79 7.94 6.83
C SER A 336 2.10 9.30 6.21
N PRO A 337 3.35 9.76 6.28
CA PRO A 337 3.71 11.06 5.69
C PRO A 337 4.15 11.00 4.23
N ALA A 338 4.35 9.81 3.67
CA ALA A 338 4.98 9.68 2.37
C ALA A 338 3.99 9.88 1.23
N SER A 339 4.50 10.38 0.11
CA SER A 339 3.67 10.55 -1.08
C SER A 339 3.16 9.23 -1.61
N LEU A 340 3.89 8.15 -1.35
CA LEU A 340 3.46 6.82 -1.76
C LEU A 340 2.02 6.55 -1.33
N ASN A 341 1.63 7.05 -0.15
CA ASN A 341 0.31 6.78 0.41
C ASN A 341 -0.59 8.01 0.42
N LEU A 342 -0.48 8.86 -0.62
CA LEU A 342 -1.24 10.10 -0.65
C LEU A 342 -2.74 9.85 -0.62
N GLU A 343 -3.22 8.96 -1.50
CA GLU A 343 -4.66 8.75 -1.63
C GLU A 343 -5.27 8.22 -0.33
N GLU A 344 -4.62 7.26 0.31
CA GLU A 344 -5.19 6.68 1.52
C GLU A 344 -5.04 7.61 2.71
N THR A 345 -4.02 8.47 2.71
CA THR A 345 -3.90 9.46 3.78
C THR A 345 -5.00 10.51 3.67
N LEU A 346 -5.23 11.02 2.46
CA LEU A 346 -6.36 11.92 2.25
C LEU A 346 -7.68 11.24 2.60
N SER A 347 -7.82 9.97 2.26
CA SER A 347 -9.05 9.25 2.57
C SER A 347 -9.25 9.13 4.08
N THR A 348 -8.17 8.94 4.83
CA THR A 348 -8.27 8.86 6.29
C THR A 348 -8.65 10.21 6.89
N LEU A 349 -7.95 11.29 6.49
CA LEU A 349 -8.29 12.61 7.00
C LEU A 349 -9.73 12.97 6.68
N GLU A 350 -10.20 12.66 5.46
CA GLU A 350 -11.58 12.91 5.10
C GLU A 350 -12.54 12.14 5.99
N TYR A 351 -12.20 10.89 6.31
CA TYR A 351 -13.03 10.10 7.21
C TYR A 351 -13.07 10.71 8.60
N ALA A 352 -11.90 11.11 9.14
CA ALA A 352 -11.87 11.74 10.45
C ALA A 352 -12.58 13.08 10.46
N HIS A 353 -12.43 13.86 9.37
CA HIS A 353 -13.11 15.15 9.28
C HIS A 353 -14.61 14.98 9.21
N ARG A 354 -15.09 13.96 8.50
CA ARG A 354 -16.53 13.72 8.42
C ARG A 354 -17.09 13.25 9.76
N ALA A 355 -16.28 12.55 10.55
CA ALA A 355 -16.74 12.09 11.87
C ALA A 355 -16.95 13.26 12.82
N LYS A 356 -16.01 14.20 12.86
CA LYS A 356 -16.15 15.40 13.68
C LYS A 356 -15.64 16.58 12.85
N ASN A 357 -16.56 17.32 12.24
CA ASN A 357 -16.19 18.43 11.38
C ASN A 357 -15.85 19.65 12.23
N ILE A 358 -14.60 20.08 12.19
CA ILE A 358 -14.13 21.25 12.90
C ILE A 358 -13.63 22.26 11.87
N LEU A 359 -13.99 23.52 12.06
CA LEU A 359 -13.60 24.55 11.10
C LEU A 359 -12.11 24.87 11.20
N ASN A 360 -11.49 25.09 10.05
CA ASN A 360 -10.11 25.55 10.02
C ASN A 360 -10.02 26.98 10.51
N LYS A 361 -9.12 27.22 11.47
CA LYS A 361 -8.84 28.57 11.90
C LYS A 361 -8.20 29.36 10.76
N PRO A 362 -8.51 30.66 10.66
CA PRO A 362 -7.93 31.48 9.59
C PRO A 362 -6.41 31.37 9.53
N GLU A 363 -5.90 31.11 8.32
CA GLU A 363 -4.46 31.07 8.08
C GLU A 363 -3.80 32.37 8.51
N VAL A 364 -2.64 32.26 9.13
CA VAL A 364 -1.87 33.44 9.51
C VAL A 364 -1.27 34.07 8.25
N GLY B 15 1.42 -19.44 -31.07
CA GLY B 15 2.54 -18.58 -30.71
C GLY B 15 2.45 -17.24 -31.41
N LYS B 16 3.20 -16.26 -30.90
CA LYS B 16 3.09 -14.90 -31.38
C LYS B 16 4.42 -14.18 -31.19
N ASN B 17 4.48 -12.98 -31.75
CA ASN B 17 5.53 -12.01 -31.49
C ASN B 17 5.22 -11.15 -30.27
N ILE B 18 3.97 -11.16 -29.81
CA ILE B 18 3.59 -10.56 -28.53
C ILE B 18 3.73 -11.63 -27.46
N GLN B 19 4.41 -11.30 -26.37
CA GLN B 19 4.60 -12.25 -25.28
C GLN B 19 4.32 -11.57 -23.94
N VAL B 20 3.53 -12.24 -23.11
CA VAL B 20 3.14 -11.73 -21.80
C VAL B 20 3.72 -12.64 -20.74
N VAL B 21 4.49 -12.07 -19.82
CA VAL B 21 5.09 -12.83 -18.74
C VAL B 21 4.76 -12.17 -17.41
N VAL B 22 4.82 -12.97 -16.35
CA VAL B 22 4.50 -12.51 -15.01
C VAL B 22 5.72 -12.72 -14.13
N ARG B 23 6.07 -11.69 -13.36
CA ARG B 23 7.15 -11.76 -12.39
C ARG B 23 6.58 -11.45 -11.01
N CYS B 24 6.65 -12.43 -10.11
CA CYS B 24 6.27 -12.21 -8.72
C CYS B 24 7.50 -11.82 -7.93
N ARG B 25 7.39 -10.78 -7.13
CA ARG B 25 8.53 -10.40 -6.30
C ARG B 25 8.45 -11.07 -4.93
N PRO B 26 9.53 -11.07 -4.16
CA PRO B 26 9.46 -11.55 -2.79
C PRO B 26 8.65 -10.59 -1.91
N PHE B 27 8.35 -11.05 -0.69
CA PHE B 27 7.73 -10.19 0.30
C PHE B 27 8.62 -8.98 0.60
N ASN B 28 7.98 -7.86 0.93
CA ASN B 28 8.67 -6.72 1.51
C ASN B 28 8.37 -6.65 3.00
N LEU B 29 9.08 -5.74 3.68
CA LEU B 29 8.96 -5.66 5.13
C LEU B 29 7.55 -5.26 5.57
N ALA B 30 6.93 -4.34 4.82
CA ALA B 30 5.60 -3.87 5.19
C ALA B 30 4.59 -5.01 5.21
N GLU B 31 4.72 -5.95 4.26
CA GLU B 31 3.81 -7.08 4.23
C GLU B 31 4.03 -8.02 5.40
N ARG B 32 5.27 -8.20 5.83
CA ARG B 32 5.53 -9.03 7.00
C ARG B 32 5.01 -8.37 8.27
N LYS B 33 5.18 -7.05 8.40
CA LYS B 33 4.66 -6.35 9.56
C LYS B 33 3.14 -6.38 9.59
N ALA B 34 2.51 -6.49 8.43
CA ALA B 34 1.05 -6.58 8.33
C ALA B 34 0.53 -8.00 8.52
N SER B 35 1.39 -8.95 8.87
CA SER B 35 1.01 -10.36 9.01
C SER B 35 0.34 -10.89 7.75
N ALA B 36 0.81 -10.44 6.60
CA ALA B 36 0.28 -10.92 5.33
C ALA B 36 0.69 -12.36 5.10
N HIS B 37 -0.06 -13.04 4.24
CA HIS B 37 0.18 -14.44 3.90
C HIS B 37 0.38 -14.58 2.40
N SER B 38 1.16 -15.59 2.02
CA SER B 38 1.39 -15.86 0.61
C SER B 38 0.13 -16.43 -0.03
N ILE B 39 -0.34 -15.80 -1.10
CA ILE B 39 -1.50 -16.26 -1.84
C ILE B 39 -1.18 -16.57 -3.30
N VAL B 40 0.05 -16.32 -3.74
CA VAL B 40 0.45 -16.50 -5.12
C VAL B 40 1.40 -17.70 -5.19
N GLU B 41 1.13 -18.60 -6.12
CA GLU B 41 1.97 -19.75 -6.40
C GLU B 41 2.39 -19.71 -7.86
N CYS B 42 3.69 -19.78 -8.12
CA CYS B 42 4.23 -19.66 -9.46
C CYS B 42 4.78 -21.00 -9.92
N ASP B 43 4.33 -21.44 -11.09
CA ASP B 43 4.81 -22.68 -11.70
C ASP B 43 5.46 -22.33 -13.02
N PRO B 44 6.79 -22.20 -13.08
CA PRO B 44 7.44 -21.81 -14.34
C PRO B 44 7.35 -22.88 -15.42
N VAL B 45 7.28 -24.16 -15.05
CA VAL B 45 7.25 -25.21 -16.07
C VAL B 45 5.92 -25.18 -16.82
N ARG B 46 4.82 -25.22 -16.08
CA ARG B 46 3.51 -25.10 -16.70
C ARG B 46 3.18 -23.65 -17.06
N LYS B 47 4.02 -22.69 -16.65
CA LYS B 47 3.83 -21.28 -16.98
C LYS B 47 2.50 -20.76 -16.43
N GLU B 48 2.21 -21.10 -15.17
CA GLU B 48 0.94 -20.77 -14.55
C GLU B 48 1.15 -19.97 -13.27
N VAL B 49 0.25 -19.01 -13.04
CA VAL B 49 0.14 -18.31 -11.77
C VAL B 49 -1.22 -18.64 -11.19
N SER B 50 -1.25 -19.13 -9.95
CA SER B 50 -2.49 -19.45 -9.26
C SER B 50 -2.58 -18.60 -7.99
N VAL B 51 -3.75 -18.02 -7.76
CA VAL B 51 -3.97 -17.09 -6.66
C VAL B 51 -5.08 -17.62 -5.77
N ARG B 52 -4.79 -17.71 -4.46
CA ARG B 52 -5.82 -18.06 -3.49
C ARG B 52 -6.76 -16.88 -3.31
N THR B 53 -8.00 -17.01 -3.79
CA THR B 53 -8.93 -15.90 -3.80
C THR B 53 -9.92 -15.90 -2.64
N GLY B 54 -10.08 -17.02 -1.96
CA GLY B 54 -11.21 -17.18 -1.06
C GLY B 54 -11.13 -16.29 0.15
N GLY B 55 -12.32 -15.89 0.63
CA GLY B 55 -12.43 -15.16 1.88
C GLY B 55 -12.53 -16.08 3.08
N LEU B 56 -13.39 -15.73 4.03
CA LEU B 56 -13.53 -16.50 5.27
C LEU B 56 -13.90 -17.95 4.96
N ALA B 57 -13.15 -18.89 5.55
CA ALA B 57 -13.38 -20.32 5.50
C ALA B 57 -13.24 -20.92 4.11
N ASP B 58 -12.84 -20.13 3.10
CA ASP B 58 -12.71 -20.59 1.72
C ASP B 58 -11.24 -20.78 1.42
N LYS B 59 -10.75 -22.01 1.64
CA LYS B 59 -9.33 -22.30 1.60
C LYS B 59 -8.85 -22.90 0.28
N SER B 60 -9.76 -23.42 -0.55
CA SER B 60 -9.33 -24.13 -1.76
C SER B 60 -9.73 -23.44 -3.06
N SER B 61 -10.54 -22.38 -3.02
CA SER B 61 -10.88 -21.66 -4.23
C SER B 61 -9.67 -20.91 -4.76
N ARG B 62 -9.33 -21.16 -6.03
CA ARG B 62 -8.17 -20.53 -6.65
C ARG B 62 -8.49 -20.17 -8.09
N LYS B 63 -7.85 -19.12 -8.59
N LYS B 63 -7.84 -19.13 -8.59
CA LYS B 63 -7.91 -18.76 -10.00
CA LYS B 63 -7.90 -18.76 -9.99
C LYS B 63 -6.52 -18.94 -10.59
C LYS B 63 -6.52 -18.92 -10.60
N THR B 64 -6.44 -19.64 -11.72
CA THR B 64 -5.18 -19.93 -12.39
C THR B 64 -5.14 -19.20 -13.72
N TYR B 65 -4.01 -18.54 -13.98
CA TYR B 65 -3.75 -17.90 -15.26
C TYR B 65 -2.52 -18.52 -15.89
N THR B 66 -2.53 -18.63 -17.22
CA THR B 66 -1.42 -19.16 -17.97
C THR B 66 -0.84 -18.08 -18.86
N PHE B 67 0.49 -17.99 -18.88
CA PHE B 67 1.17 -16.99 -19.69
C PHE B 67 2.31 -17.62 -20.48
N ASP B 68 3.11 -16.79 -21.15
CA ASP B 68 4.24 -17.32 -21.91
C ASP B 68 5.41 -17.68 -21.02
N MET B 69 5.63 -16.94 -19.95
CA MET B 69 6.60 -17.30 -18.92
C MET B 69 6.05 -16.84 -17.58
N VAL B 70 6.49 -17.53 -16.52
CA VAL B 70 6.18 -17.14 -15.15
C VAL B 70 7.47 -17.18 -14.35
N PHE B 71 7.83 -16.07 -13.72
CA PHE B 71 9.03 -15.94 -12.91
C PHE B 71 8.63 -15.81 -11.45
N GLY B 72 9.00 -16.79 -10.63
CA GLY B 72 8.72 -16.74 -9.21
C GLY B 72 9.57 -15.72 -8.49
N ALA B 73 9.37 -15.65 -7.17
CA ALA B 73 10.03 -14.64 -6.35
C ALA B 73 11.54 -14.84 -6.25
N SER B 74 12.04 -16.03 -6.53
CA SER B 74 13.48 -16.28 -6.47
C SER B 74 14.18 -15.98 -7.78
N THR B 75 13.48 -15.44 -8.78
CA THR B 75 14.09 -15.19 -10.08
C THR B 75 15.10 -14.05 -10.00
N LYS B 76 16.32 -14.30 -10.47
CA LYS B 76 17.35 -13.27 -10.48
C LYS B 76 17.18 -12.36 -11.69
N GLN B 77 17.87 -11.22 -11.65
CA GLN B 77 17.76 -10.23 -12.72
C GLN B 77 18.28 -10.77 -14.05
N ILE B 78 19.46 -11.42 -14.02
CA ILE B 78 20.07 -11.91 -15.24
C ILE B 78 19.22 -12.97 -15.92
N ASP B 79 18.33 -13.62 -15.18
CA ASP B 79 17.48 -14.64 -15.79
C ASP B 79 16.30 -14.01 -16.52
N VAL B 80 15.76 -12.92 -15.99
CA VAL B 80 14.76 -12.15 -16.73
C VAL B 80 15.36 -11.64 -18.03
N PHE B 81 16.58 -11.09 -17.95
CA PHE B 81 17.21 -10.51 -19.13
C PHE B 81 17.50 -11.55 -20.20
N ARG B 82 17.96 -12.74 -19.79
CA ARG B 82 18.31 -13.76 -20.77
C ARG B 82 17.06 -14.36 -21.44
N SER B 83 15.98 -14.53 -20.68
CA SER B 83 14.79 -15.19 -21.22
C SER B 83 13.88 -14.24 -21.99
N VAL B 84 13.65 -13.03 -21.46
CA VAL B 84 12.72 -12.09 -22.09
C VAL B 84 13.45 -11.16 -23.06
N VAL B 85 14.58 -10.61 -22.64
CA VAL B 85 15.15 -9.47 -23.36
C VAL B 85 16.07 -9.92 -24.49
N CYS B 86 16.93 -10.91 -24.24
CA CYS B 86 17.92 -11.31 -25.25
C CYS B 86 17.30 -11.70 -26.60
N PRO B 87 16.23 -12.50 -26.66
CA PRO B 87 15.61 -12.72 -27.99
C PRO B 87 15.10 -11.45 -28.63
N ILE B 88 14.61 -10.50 -27.83
CA ILE B 88 14.17 -9.22 -28.37
C ILE B 88 15.36 -8.40 -28.82
N LEU B 89 16.43 -8.39 -28.02
CA LEU B 89 17.61 -7.61 -28.37
C LEU B 89 18.25 -8.12 -29.66
N ASP B 90 18.17 -9.44 -29.89
CA ASP B 90 18.60 -9.99 -31.18
C ASP B 90 17.86 -9.33 -32.33
N GLU B 91 16.53 -9.23 -32.22
CA GLU B 91 15.74 -8.62 -33.28
C GLU B 91 16.10 -7.15 -33.45
N VAL B 92 16.35 -6.45 -32.34
CA VAL B 92 16.72 -5.04 -32.42
C VAL B 92 18.04 -4.87 -33.17
N ILE B 93 19.02 -5.72 -32.84
CA ILE B 93 20.33 -5.64 -33.48
C ILE B 93 20.24 -5.97 -34.97
N MET B 94 19.24 -6.75 -35.38
CA MET B 94 19.00 -6.97 -36.80
C MET B 94 18.35 -5.79 -37.49
N GLY B 95 18.00 -4.74 -36.75
CA GLY B 95 17.49 -3.52 -37.34
C GLY B 95 16.01 -3.25 -37.17
N TYR B 96 15.37 -3.79 -36.13
CA TYR B 96 13.94 -3.64 -35.95
C TYR B 96 13.64 -2.83 -34.68
N ASN B 97 12.38 -2.40 -34.58
CA ASN B 97 11.91 -1.53 -33.51
C ASN B 97 11.02 -2.34 -32.58
N CYS B 98 11.46 -2.54 -31.34
CA CYS B 98 10.78 -3.41 -30.40
C CYS B 98 10.53 -2.68 -29.08
N THR B 99 9.63 -3.26 -28.29
CA THR B 99 9.18 -2.64 -27.04
C THR B 99 9.00 -3.69 -25.96
N ILE B 100 9.42 -3.35 -24.74
CA ILE B 100 9.19 -4.18 -23.55
C ILE B 100 8.50 -3.32 -22.51
N PHE B 101 7.36 -3.79 -22.00
CA PHE B 101 6.59 -3.08 -21.00
C PHE B 101 6.76 -3.71 -19.63
N ALA B 102 6.79 -2.86 -18.60
CA ALA B 102 6.65 -3.30 -17.21
C ALA B 102 5.32 -2.76 -16.68
N TYR B 103 4.43 -3.66 -16.29
CA TYR B 103 3.08 -3.32 -15.88
C TYR B 103 2.80 -3.90 -14.52
N GLY B 104 2.17 -3.13 -13.65
CA GLY B 104 1.78 -3.66 -12.36
C GLY B 104 1.57 -2.59 -11.31
N GLN B 105 1.09 -3.05 -10.17
CA GLN B 105 0.85 -2.19 -9.01
C GLN B 105 2.15 -1.53 -8.55
N THR B 106 2.03 -0.31 -8.03
CA THR B 106 3.16 0.36 -7.42
C THR B 106 3.78 -0.53 -6.34
N GLY B 107 5.10 -0.65 -6.36
CA GLY B 107 5.81 -1.43 -5.37
C GLY B 107 5.99 -2.89 -5.71
N THR B 108 5.56 -3.34 -6.89
CA THR B 108 5.67 -4.74 -7.27
C THR B 108 6.91 -5.06 -8.10
N GLY B 109 7.67 -4.06 -8.54
CA GLY B 109 8.94 -4.33 -9.18
C GLY B 109 9.12 -3.84 -10.60
N LYS B 110 8.33 -2.86 -11.03
CA LYS B 110 8.44 -2.34 -12.38
C LYS B 110 9.80 -1.67 -12.61
N THR B 111 10.19 -0.78 -11.69
CA THR B 111 11.47 -0.10 -11.85
C THR B 111 12.63 -1.03 -11.54
N PHE B 112 12.47 -1.92 -10.55
CA PHE B 112 13.52 -2.89 -10.26
C PHE B 112 13.77 -3.81 -11.45
N THR B 113 12.71 -4.17 -12.19
CA THR B 113 12.89 -5.00 -13.38
C THR B 113 13.55 -4.21 -14.51
N MET B 114 13.10 -2.96 -14.71
CA MET B 114 13.54 -2.18 -15.85
C MET B 114 14.90 -1.52 -15.62
N GLU B 115 15.12 -0.96 -14.43
CA GLU B 115 16.37 -0.30 -14.08
C GLU B 115 17.23 -1.13 -13.13
N GLY B 116 16.63 -1.66 -12.06
CA GLY B 116 17.39 -2.38 -11.08
C GLY B 116 18.04 -1.44 -10.08
N GLU B 117 18.99 -1.99 -9.33
CA GLU B 117 19.75 -1.25 -8.33
C GLU B 117 21.20 -1.68 -8.39
N ARG B 118 22.06 -0.89 -7.76
CA ARG B 118 23.47 -1.25 -7.64
C ARG B 118 23.83 -1.60 -6.19
N THR B 125 34.31 -1.33 -12.64
CA THR B 125 33.82 -2.69 -12.69
C THR B 125 33.19 -2.98 -14.05
N TRP B 126 33.18 -4.25 -14.44
CA TRP B 126 32.58 -4.69 -15.70
C TRP B 126 31.55 -5.79 -15.51
N GLU B 127 31.85 -6.80 -14.71
CA GLU B 127 30.85 -7.79 -14.35
C GLU B 127 29.61 -7.08 -13.80
N GLU B 128 28.49 -7.26 -14.48
CA GLU B 128 27.30 -6.51 -14.11
CA GLU B 128 27.28 -6.54 -14.12
C GLU B 128 26.82 -6.91 -12.72
N ASP B 129 26.39 -5.91 -11.97
CA ASP B 129 25.84 -6.13 -10.65
C ASP B 129 24.64 -7.07 -10.75
N PRO B 130 24.57 -8.13 -9.93
CA PRO B 130 23.41 -9.04 -10.00
C PRO B 130 22.06 -8.37 -9.81
N LEU B 131 22.01 -7.11 -9.36
CA LEU B 131 20.75 -6.41 -9.16
C LEU B 131 20.44 -5.41 -10.27
N ALA B 132 21.35 -5.25 -11.24
CA ALA B 132 21.08 -4.39 -12.39
C ALA B 132 19.87 -4.91 -13.16
N GLY B 133 19.09 -3.97 -13.69
CA GLY B 133 17.88 -4.30 -14.42
C GLY B 133 18.12 -4.42 -15.91
N ILE B 134 17.00 -4.39 -16.66
CA ILE B 134 17.06 -4.62 -18.10
C ILE B 134 17.87 -3.53 -18.79
N ILE B 135 17.67 -2.27 -18.39
CA ILE B 135 18.28 -1.12 -19.08
C ILE B 135 19.81 -1.22 -19.07
N PRO B 136 20.47 -1.32 -17.90
CA PRO B 136 21.94 -1.42 -17.93
C PRO B 136 22.43 -2.67 -18.61
N ARG B 137 21.71 -3.79 -18.46
CA ARG B 137 22.12 -5.02 -19.13
C ARG B 137 21.97 -4.92 -20.64
N THR B 138 20.96 -4.19 -21.11
CA THR B 138 20.80 -3.98 -22.55
C THR B 138 21.96 -3.16 -23.10
N LEU B 139 22.20 -1.98 -22.52
CA LEU B 139 23.33 -1.15 -22.99
C LEU B 139 24.64 -1.90 -22.89
N HIS B 140 24.79 -2.75 -21.88
CA HIS B 140 26.02 -3.51 -21.72
C HIS B 140 26.17 -4.55 -22.83
N GLN B 141 25.09 -5.28 -23.13
CA GLN B 141 25.17 -6.28 -24.19
C GLN B 141 25.32 -5.63 -25.56
N ILE B 142 24.71 -4.46 -25.77
CA ILE B 142 24.86 -3.77 -27.05
C ILE B 142 26.33 -3.47 -27.32
N PHE B 143 27.02 -2.89 -26.35
CA PHE B 143 28.42 -2.54 -26.54
C PHE B 143 29.31 -3.77 -26.59
N GLU B 144 29.03 -4.78 -25.76
CA GLU B 144 29.89 -5.96 -25.75
C GLU B 144 29.80 -6.73 -27.06
N LYS B 145 28.57 -6.94 -27.57
CA LYS B 145 28.40 -7.77 -28.75
C LYS B 145 28.86 -7.06 -30.02
N LEU B 146 28.59 -5.76 -30.13
CA LEU B 146 28.90 -5.05 -31.35
C LEU B 146 30.39 -4.75 -31.49
N THR B 147 31.06 -4.44 -30.38
CA THR B 147 32.50 -4.25 -30.46
C THR B 147 33.21 -5.58 -30.68
N ASP B 148 32.65 -6.67 -30.19
CA ASP B 148 33.28 -7.98 -30.39
C ASP B 148 33.28 -8.38 -31.86
N ASN B 149 32.18 -8.16 -32.58
CA ASN B 149 32.09 -8.54 -33.98
C ASN B 149 32.50 -7.43 -34.93
N GLY B 150 33.11 -6.36 -34.44
CA GLY B 150 33.66 -5.33 -35.30
C GLY B 150 32.64 -4.47 -36.03
N THR B 151 31.40 -4.43 -35.55
CA THR B 151 30.40 -3.58 -36.17
C THR B 151 30.71 -2.12 -35.87
N GLU B 152 30.64 -1.27 -36.88
CA GLU B 152 30.68 0.17 -36.67
C GLU B 152 29.28 0.61 -36.23
N PHE B 153 29.19 1.26 -35.07
CA PHE B 153 27.88 1.54 -34.52
C PHE B 153 27.93 2.77 -33.63
N SER B 154 26.75 3.34 -33.41
CA SER B 154 26.57 4.48 -32.52
C SER B 154 25.31 4.24 -31.70
N VAL B 155 25.39 4.56 -30.41
CA VAL B 155 24.27 4.35 -29.49
C VAL B 155 23.81 5.69 -28.98
N LYS B 156 22.51 5.93 -29.02
CA LYS B 156 21.89 7.13 -28.49
C LYS B 156 20.67 6.71 -27.68
N VAL B 157 20.44 7.40 -26.56
CA VAL B 157 19.33 7.08 -25.67
C VAL B 157 18.53 8.34 -25.38
N SER B 158 17.21 8.17 -25.26
CA SER B 158 16.32 9.22 -24.79
C SER B 158 15.45 8.66 -23.67
N LEU B 159 15.05 9.53 -22.76
CA LEU B 159 14.18 9.16 -21.65
C LEU B 159 13.16 10.27 -21.46
N LEU B 160 11.89 9.94 -21.66
CA LEU B 160 10.81 10.88 -21.40
C LEU B 160 9.84 10.26 -20.39
N GLU B 161 8.90 11.10 -19.96
CA GLU B 161 7.95 10.72 -18.91
C GLU B 161 6.59 11.31 -19.27
N ILE B 162 5.57 10.46 -19.29
CA ILE B 162 4.21 10.87 -19.61
C ILE B 162 3.42 10.92 -18.32
N TYR B 163 3.00 12.12 -17.93
CA TYR B 163 2.19 12.32 -16.73
C TYR B 163 1.03 13.25 -17.08
N ASN B 164 -0.18 12.86 -16.66
CA ASN B 164 -1.41 13.60 -16.99
C ASN B 164 -1.48 13.86 -18.49
N GLU B 165 -1.13 12.83 -19.26
CA GLU B 165 -1.11 12.87 -20.73
C GLU B 165 -0.27 14.02 -21.28
N GLU B 166 0.75 14.41 -20.53
CA GLU B 166 1.74 15.39 -20.96
C GLU B 166 3.10 14.72 -21.09
N LEU B 167 3.97 15.35 -21.88
CA LEU B 167 5.29 14.80 -22.17
C LEU B 167 6.36 15.65 -21.49
N PHE B 168 7.38 14.97 -20.96
CA PHE B 168 8.47 15.64 -20.26
C PHE B 168 9.80 14.96 -20.60
N ASP B 169 10.78 15.77 -21.00
CA ASP B 169 12.11 15.26 -21.29
C ASP B 169 12.92 15.20 -19.99
N LEU B 170 13.30 14.00 -19.59
CA LEU B 170 14.07 13.82 -18.36
C LEU B 170 15.57 13.91 -18.58
N LEU B 171 16.02 14.13 -19.81
CA LEU B 171 17.45 14.17 -20.12
C LEU B 171 17.94 15.54 -20.56
N ASN B 172 17.04 16.50 -20.77
CA ASN B 172 17.45 17.82 -21.22
C ASN B 172 18.15 18.56 -20.08
N PRO B 173 19.41 18.97 -20.25
CA PRO B 173 20.10 19.70 -19.17
C PRO B 173 19.62 21.14 -19.01
N SER B 174 18.86 21.67 -19.97
CA SER B 174 18.47 23.08 -19.97
C SER B 174 17.00 23.26 -19.64
N SER B 175 16.11 22.72 -20.47
CA SER B 175 14.65 22.79 -20.34
C SER B 175 14.18 23.01 -18.92
N ASP B 176 14.09 24.28 -18.51
CA ASP B 176 13.83 24.59 -17.12
C ASP B 176 12.45 24.10 -16.70
N VAL B 177 12.44 23.37 -15.58
CA VAL B 177 11.29 22.82 -14.86
C VAL B 177 10.20 22.22 -15.76
N SER B 178 9.25 23.03 -16.25
CA SER B 178 7.93 22.53 -16.63
C SER B 178 7.64 22.64 -18.13
N GLU B 179 8.66 22.63 -18.97
CA GLU B 179 8.45 22.76 -20.41
C GLU B 179 7.99 21.42 -20.98
N ARG B 180 6.72 21.33 -21.34
CA ARG B 180 6.21 20.14 -22.01
C ARG B 180 6.77 20.05 -23.43
N LEU B 181 7.09 18.83 -23.85
CA LEU B 181 7.47 18.59 -25.23
C LEU B 181 6.21 18.56 -26.10
N GLN B 182 6.38 18.91 -27.37
CA GLN B 182 5.29 18.85 -28.33
C GLN B 182 5.52 17.70 -29.30
N MET B 183 4.41 17.09 -29.71
CA MET B 183 4.43 15.90 -30.55
C MET B 183 3.45 16.06 -31.70
N PHE B 184 3.94 15.87 -32.92
CA PHE B 184 3.08 15.92 -34.10
C PHE B 184 3.46 14.80 -35.06
N ASP B 185 2.55 14.53 -35.98
CA ASP B 185 2.71 13.42 -36.92
C ASP B 185 3.85 13.71 -37.89
N ASP B 186 4.74 12.74 -38.02
CA ASP B 186 5.90 12.87 -38.90
C ASP B 186 5.48 12.71 -40.35
N PRO B 187 5.76 13.70 -41.23
CA PRO B 187 5.46 13.53 -42.67
C PRO B 187 6.59 12.83 -43.41
N ARG B 188 6.87 11.59 -43.02
CA ARG B 188 7.91 10.77 -43.64
C ARG B 188 7.41 9.33 -43.77
N ASN B 189 6.47 8.94 -42.92
CA ASN B 189 5.89 7.61 -42.91
C ASN B 189 4.82 7.61 -41.82
N LYS B 190 3.94 6.63 -41.88
CA LYS B 190 2.95 6.45 -40.83
C LYS B 190 3.58 5.61 -39.73
N ARG B 191 2.81 5.30 -38.68
CA ARG B 191 3.37 4.69 -37.48
C ARG B 191 4.64 5.44 -37.08
N GLY B 192 4.46 6.68 -36.66
CA GLY B 192 5.60 7.52 -36.37
C GLY B 192 5.19 8.92 -35.98
N VAL B 193 6.01 9.54 -35.16
CA VAL B 193 5.68 10.84 -34.60
C VAL B 193 6.98 11.56 -34.27
N ILE B 194 6.97 12.88 -34.43
CA ILE B 194 8.12 13.72 -34.16
C ILE B 194 7.92 14.38 -32.80
N ILE B 195 8.82 14.08 -31.87
CA ILE B 195 8.86 14.72 -30.56
C ILE B 195 9.90 15.84 -30.61
N LYS B 196 9.53 17.00 -31.13
CA LYS B 196 10.48 18.09 -31.31
C LYS B 196 11.05 18.53 -29.97
N GLY B 197 12.37 18.69 -29.91
CA GLY B 197 13.06 19.11 -28.71
C GLY B 197 13.46 17.99 -27.77
N LEU B 198 13.11 16.74 -28.08
CA LEU B 198 13.48 15.63 -27.21
C LEU B 198 14.98 15.40 -27.26
N GLU B 199 15.59 15.23 -26.09
CA GLU B 199 17.03 15.04 -25.99
C GLU B 199 17.41 13.61 -26.33
N GLU B 200 18.43 13.46 -27.17
CA GLU B 200 18.98 12.15 -27.52
C GLU B 200 20.48 12.19 -27.21
N ILE B 201 20.89 11.52 -26.15
CA ILE B 201 22.26 11.58 -25.65
C ILE B 201 23.07 10.44 -26.25
N THR B 202 24.18 10.77 -26.89
CA THR B 202 25.09 9.76 -27.42
C THR B 202 25.82 9.07 -26.28
N VAL B 203 25.85 7.74 -26.30
CA VAL B 203 26.50 6.93 -25.29
C VAL B 203 27.78 6.35 -25.90
N HIS B 204 28.92 6.67 -25.29
CA HIS B 204 30.21 6.35 -25.90
C HIS B 204 30.81 5.04 -25.39
N ASN B 205 30.60 4.71 -24.12
CA ASN B 205 31.10 3.44 -23.59
C ASN B 205 29.97 2.71 -22.87
N LYS B 206 30.28 1.49 -22.41
CA LYS B 206 29.30 0.62 -21.80
C LYS B 206 28.77 1.17 -20.48
N ASP B 207 29.62 1.86 -19.72
CA ASP B 207 29.28 2.32 -18.38
C ASP B 207 28.54 3.64 -18.38
N GLU B 208 28.47 4.33 -19.52
CA GLU B 208 27.91 5.68 -19.56
C GLU B 208 26.44 5.69 -19.15
N VAL B 209 25.74 4.56 -19.30
CA VAL B 209 24.30 4.52 -19.05
C VAL B 209 23.97 4.87 -17.61
N TYR B 210 24.87 4.58 -16.67
CA TYR B 210 24.59 4.84 -15.26
C TYR B 210 24.53 6.33 -14.97
N GLN B 211 25.41 7.11 -15.60
CA GLN B 211 25.42 8.56 -15.41
C GLN B 211 24.12 9.17 -15.90
N ILE B 212 23.63 8.69 -17.05
CA ILE B 212 22.43 9.26 -17.65
C ILE B 212 21.18 8.90 -16.83
N LEU B 213 21.13 7.69 -16.27
CA LEU B 213 20.03 7.34 -15.39
C LEU B 213 20.01 8.25 -14.17
N GLU B 214 21.19 8.56 -13.62
CA GLU B 214 21.30 9.51 -12.51
C GLU B 214 20.73 10.87 -12.90
N LYS B 215 21.16 11.40 -14.04
CA LYS B 215 20.71 12.72 -14.47
C LYS B 215 19.20 12.71 -14.73
N GLY B 216 18.69 11.62 -15.31
CA GLY B 216 17.25 11.50 -15.50
C GLY B 216 16.51 11.30 -14.19
N ALA B 217 17.10 10.55 -13.26
CA ALA B 217 16.48 10.37 -11.95
C ALA B 217 16.47 11.66 -11.16
N ALA B 218 17.50 12.50 -11.31
CA ALA B 218 17.51 13.78 -10.61
C ALA B 218 16.42 14.71 -11.11
N LYS B 219 16.24 14.77 -12.43
CA LYS B 219 15.21 15.64 -12.99
C LYS B 219 13.82 15.02 -12.88
N ARG B 220 13.72 13.71 -12.66
CA ARG B 220 12.44 13.11 -12.34
C ARG B 220 12.03 13.42 -10.90
N THR B 221 13.01 13.61 -10.01
CA THR B 221 12.70 13.93 -8.62
C THR B 221 12.17 15.36 -8.49
N THR B 222 12.84 16.32 -9.12
CA THR B 222 12.34 17.70 -9.08
C THR B 222 10.98 17.82 -9.75
N ALA B 223 10.71 16.99 -10.77
CA ALA B 223 9.38 16.95 -11.35
C ALA B 223 8.36 16.43 -10.34
N ALA B 224 8.80 15.63 -9.38
CA ALA B 224 7.90 15.10 -8.36
C ALA B 224 7.64 16.11 -7.25
N THR B 225 8.69 16.79 -6.78
CA THR B 225 8.53 17.74 -5.68
C THR B 225 7.85 19.02 -6.16
N LEU B 226 8.24 19.53 -7.32
CA LEU B 226 7.80 20.82 -7.82
C LEU B 226 6.55 20.74 -8.70
N MET B 227 6.14 19.54 -9.10
CA MET B 227 5.02 19.43 -10.05
C MET B 227 4.05 18.30 -9.76
N ASN B 228 4.26 17.50 -8.70
CA ASN B 228 3.43 16.33 -8.42
C ASN B 228 3.41 15.35 -9.59
N ALA B 229 4.56 15.17 -10.23
CA ALA B 229 4.70 14.19 -11.29
C ALA B 229 5.48 12.98 -10.76
N TYR B 230 4.82 12.23 -9.89
CA TYR B 230 5.43 11.06 -9.26
C TYR B 230 5.67 9.97 -10.28
N SER B 231 6.81 9.29 -10.10
CA SER B 231 7.14 8.19 -10.99
C SER B 231 6.08 7.08 -10.94
N SER B 232 5.48 6.86 -9.77
CA SER B 232 4.42 5.86 -9.65
C SER B 232 3.16 6.23 -10.42
N ARG B 233 3.01 7.49 -10.84
CA ARG B 233 1.83 7.94 -11.54
C ARG B 233 2.11 8.33 -12.99
N SER B 234 3.28 7.99 -13.52
CA SER B 234 3.64 8.40 -14.86
C SER B 234 4.30 7.25 -15.60
N HIS B 235 4.20 7.28 -16.92
CA HIS B 235 4.87 6.30 -17.77
C HIS B 235 6.25 6.80 -18.13
N SER B 236 7.26 5.96 -17.88
CA SER B 236 8.64 6.26 -18.24
C SER B 236 9.00 5.51 -19.52
N VAL B 237 9.52 6.23 -20.51
CA VAL B 237 9.88 5.64 -21.80
C VAL B 237 11.37 5.87 -22.01
N PHE B 238 12.16 4.81 -21.80
CA PHE B 238 13.59 4.82 -22.10
C PHE B 238 13.78 4.20 -23.47
N SER B 239 14.21 4.99 -24.44
CA SER B 239 14.46 4.52 -25.79
C SER B 239 15.96 4.51 -26.06
N VAL B 240 16.45 3.40 -26.61
CA VAL B 240 17.83 3.29 -27.05
C VAL B 240 17.80 2.99 -28.55
N THR B 241 18.60 3.74 -29.31
CA THR B 241 18.63 3.62 -30.76
C THR B 241 20.06 3.35 -31.22
N ILE B 242 20.22 2.39 -32.11
CA ILE B 242 21.52 1.93 -32.57
C ILE B 242 21.57 2.05 -34.09
N HIS B 243 22.54 2.81 -34.58
CA HIS B 243 22.89 2.82 -36.00
C HIS B 243 24.10 1.92 -36.20
N MET B 244 24.00 1.00 -37.16
CA MET B 244 25.03 0.01 -37.38
C MET B 244 25.39 -0.05 -38.85
N LYS B 245 26.66 0.23 -39.17
CA LYS B 245 27.21 0.00 -40.51
C LYS B 245 28.20 -1.16 -40.40
N GLU B 246 27.85 -2.29 -40.98
CA GLU B 246 28.59 -3.54 -40.86
C GLU B 246 29.20 -3.86 -42.22
N THR B 247 30.51 -4.15 -42.24
CA THR B 247 31.25 -4.38 -43.48
C THR B 247 31.96 -5.72 -43.38
N THR B 248 31.51 -6.69 -44.16
CA THR B 248 32.10 -8.02 -44.17
C THR B 248 33.33 -8.06 -45.08
N GLU B 252 28.11 -4.89 -50.30
CA GLU B 252 27.12 -5.40 -49.35
C GLU B 252 27.62 -5.06 -47.96
N GLU B 253 27.85 -3.77 -47.75
CA GLU B 253 27.97 -3.24 -46.40
C GLU B 253 26.55 -3.06 -45.87
N LEU B 254 26.31 -3.47 -44.62
CA LEU B 254 24.95 -3.53 -44.10
C LEU B 254 24.68 -2.31 -43.22
N VAL B 255 23.73 -1.45 -43.65
CA VAL B 255 23.28 -0.31 -42.86
C VAL B 255 21.91 -0.63 -42.27
N LYS B 256 21.79 -0.48 -40.95
CA LYS B 256 20.55 -0.82 -40.26
C LYS B 256 20.40 0.07 -39.03
N ILE B 257 19.17 0.27 -38.61
CA ILE B 257 18.86 1.07 -37.42
C ILE B 257 17.99 0.22 -36.50
N GLY B 258 18.43 0.06 -35.25
CA GLY B 258 17.70 -0.69 -34.25
C GLY B 258 17.21 0.23 -33.15
N LYS B 259 16.06 -0.13 -32.57
CA LYS B 259 15.45 0.68 -31.52
C LYS B 259 14.76 -0.24 -30.53
N LEU B 260 15.04 -0.04 -29.24
CA LEU B 260 14.41 -0.78 -28.16
C LEU B 260 13.83 0.21 -27.16
N ASN B 261 12.52 0.14 -26.96
CA ASN B 261 11.82 1.02 -26.03
C ASN B 261 11.51 0.25 -24.76
N LEU B 262 12.10 0.70 -23.65
CA LEU B 262 11.91 0.07 -22.36
C LEU B 262 10.99 0.98 -21.54
N VAL B 263 9.77 0.50 -21.30
CA VAL B 263 8.68 1.34 -20.83
C VAL B 263 8.29 0.89 -19.43
N ASP B 264 8.44 1.80 -18.48
CA ASP B 264 8.11 1.58 -17.08
C ASP B 264 6.78 2.29 -16.84
N LEU B 265 5.68 1.51 -16.84
CA LEU B 265 4.36 2.11 -16.87
C LEU B 265 4.00 2.73 -15.52
N ALA B 266 2.99 3.60 -15.54
CA ALA B 266 2.45 4.13 -14.31
C ALA B 266 1.77 3.03 -13.51
N GLY B 267 1.65 3.25 -12.20
CA GLY B 267 1.03 2.27 -11.35
C GLY B 267 -0.36 1.89 -11.84
N SER B 268 -0.63 0.59 -11.85
CA SER B 268 -1.92 0.09 -12.31
C SER B 268 -3.01 0.17 -11.25
N GLU B 269 -2.69 0.57 -10.03
CA GLU B 269 -3.68 0.60 -8.95
C GLU B 269 -4.70 1.70 -9.18
N ASN B 270 -5.87 1.52 -8.56
CA ASN B 270 -6.91 2.54 -8.55
C ASN B 270 -7.20 2.93 -7.11
N ARG B 280 -5.94 12.78 -7.76
CA ARG B 280 -7.07 13.59 -8.20
C ARG B 280 -8.04 12.72 -9.02
N ALA B 281 -9.29 13.17 -9.09
CA ALA B 281 -10.39 12.46 -9.75
C ALA B 281 -10.02 11.93 -11.14
N ARG B 282 -9.81 12.84 -12.09
CA ARG B 282 -9.57 12.44 -13.47
C ARG B 282 -8.10 12.21 -13.78
N GLU B 283 -7.18 12.85 -13.03
CA GLU B 283 -5.76 12.56 -13.18
C GLU B 283 -5.48 11.07 -13.08
N ALA B 284 -6.21 10.38 -12.20
CA ALA B 284 -6.11 8.92 -12.12
C ALA B 284 -6.93 8.25 -13.22
N GLY B 285 -8.16 8.73 -13.45
CA GLY B 285 -8.98 8.21 -14.53
C GLY B 285 -8.34 8.38 -15.90
N ASN B 286 -7.39 9.31 -16.04
CA ASN B 286 -6.63 9.45 -17.27
C ASN B 286 -5.58 8.35 -17.39
N ILE B 287 -4.83 8.10 -16.31
CA ILE B 287 -3.88 7.00 -16.30
C ILE B 287 -4.60 5.68 -16.56
N ASN B 288 -5.79 5.53 -16.00
CA ASN B 288 -6.61 4.36 -16.29
C ASN B 288 -7.01 4.32 -17.77
N GLN B 289 -7.28 5.49 -18.36
CA GLN B 289 -7.61 5.55 -19.78
C GLN B 289 -6.43 5.10 -20.64
N SER B 290 -5.23 5.59 -20.33
CA SER B 290 -4.06 5.27 -21.15
C SER B 290 -3.62 3.82 -20.96
N LEU B 291 -3.86 3.25 -19.78
CA LEU B 291 -3.52 1.83 -19.58
C LEU B 291 -4.52 0.92 -20.28
N LEU B 292 -5.80 1.29 -20.27
CA LEU B 292 -6.79 0.49 -20.99
C LEU B 292 -6.66 0.66 -22.50
N THR B 293 -6.27 1.86 -22.94
CA THR B 293 -5.96 2.04 -24.35
C THR B 293 -4.78 1.17 -24.76
N LEU B 294 -3.72 1.15 -23.93
CA LEU B 294 -2.61 0.24 -24.20
C LEU B 294 -3.07 -1.20 -24.23
N GLY B 295 -3.94 -1.59 -23.28
CA GLY B 295 -4.48 -2.93 -23.30
C GLY B 295 -5.26 -3.23 -24.56
N ARG B 296 -6.12 -2.29 -24.99
CA ARG B 296 -6.88 -2.50 -26.22
C ARG B 296 -5.96 -2.55 -27.44
N VAL B 297 -4.86 -1.82 -27.42
CA VAL B 297 -3.92 -1.89 -28.54
C VAL B 297 -3.23 -3.25 -28.57
N ILE B 298 -2.77 -3.74 -27.42
CA ILE B 298 -2.13 -5.05 -27.36
C ILE B 298 -3.11 -6.14 -27.75
N THR B 299 -4.35 -6.08 -27.22
CA THR B 299 -5.35 -7.08 -27.57
C THR B 299 -5.67 -7.07 -29.06
N ALA B 300 -5.70 -5.87 -29.66
CA ALA B 300 -5.95 -5.79 -31.10
C ALA B 300 -4.79 -6.36 -31.90
N LEU B 301 -3.55 -6.21 -31.41
CA LEU B 301 -2.39 -6.72 -32.13
C LEU B 301 -2.35 -8.24 -32.10
N VAL B 302 -2.62 -8.85 -30.94
CA VAL B 302 -2.58 -10.32 -30.85
C VAL B 302 -3.70 -10.94 -31.69
N GLU B 303 -4.90 -10.36 -31.62
CA GLU B 303 -6.03 -10.88 -32.37
C GLU B 303 -5.99 -10.54 -33.86
N ARG B 304 -4.94 -9.85 -34.31
CA ARG B 304 -4.82 -9.38 -35.69
C ARG B 304 -6.02 -8.53 -36.11
N THR B 305 -6.70 -7.94 -35.14
CA THR B 305 -7.89 -7.15 -35.42
C THR B 305 -7.53 -5.95 -36.28
N PRO B 306 -8.22 -5.71 -37.39
CA PRO B 306 -7.94 -4.52 -38.20
C PRO B 306 -8.25 -3.25 -37.41
N HIS B 307 -7.42 -2.23 -37.62
CA HIS B 307 -7.50 -0.97 -36.88
C HIS B 307 -7.25 -1.18 -35.39
N VAL B 308 -6.08 -0.75 -34.92
CA VAL B 308 -5.80 -0.73 -33.49
C VAL B 308 -5.79 0.73 -33.07
N PRO B 309 -6.38 1.08 -31.93
CA PRO B 309 -6.53 2.51 -31.55
C PRO B 309 -5.24 3.11 -31.01
N TYR B 310 -4.24 3.22 -31.89
CA TYR B 310 -2.95 3.77 -31.48
C TYR B 310 -3.10 5.19 -30.94
N ARG B 311 -3.95 6.01 -31.58
CA ARG B 311 -4.01 7.43 -31.29
C ARG B 311 -4.86 7.77 -30.07
N GLU B 312 -5.57 6.80 -29.50
CA GLU B 312 -6.43 7.11 -28.36
C GLU B 312 -5.65 7.35 -27.07
N SER B 313 -4.32 7.34 -27.11
CA SER B 313 -3.51 7.74 -25.96
C SER B 313 -2.16 8.20 -26.47
N LYS B 314 -1.54 9.13 -25.75
CA LYS B 314 -0.22 9.61 -26.13
C LYS B 314 0.84 8.52 -26.02
N LEU B 315 0.59 7.50 -25.18
CA LEU B 315 1.55 6.41 -25.02
C LEU B 315 1.57 5.50 -26.23
N THR B 316 0.40 4.99 -26.64
CA THR B 316 0.33 4.14 -27.81
C THR B 316 0.65 4.91 -29.09
N ARG B 317 0.53 6.23 -29.07
CA ARG B 317 0.92 7.03 -30.23
C ARG B 317 2.43 7.09 -30.37
N ILE B 318 3.13 7.39 -29.28
CA ILE B 318 4.59 7.45 -29.29
C ILE B 318 5.19 6.12 -29.74
N LEU B 319 4.56 5.01 -29.34
CA LEU B 319 5.08 3.67 -29.57
C LEU B 319 4.51 3.01 -30.81
N GLN B 320 3.77 3.75 -31.66
CA GLN B 320 3.06 3.13 -32.76
C GLN B 320 4.01 2.47 -33.76
N ASP B 321 5.09 3.16 -34.14
CA ASP B 321 6.08 2.58 -35.04
C ASP B 321 6.58 1.25 -34.50
N SER B 322 6.93 1.22 -33.22
CA SER B 322 7.51 0.03 -32.64
C SER B 322 6.49 -1.10 -32.51
N LEU B 323 5.22 -0.76 -32.38
CA LEU B 323 4.18 -1.74 -32.10
C LEU B 323 3.50 -2.27 -33.36
N GLY B 324 3.64 -1.59 -34.48
CA GLY B 324 3.11 -2.06 -35.75
C GLY B 324 4.19 -2.70 -36.61
N GLY B 325 3.84 -3.80 -37.25
CA GLY B 325 4.70 -4.46 -38.21
C GLY B 325 5.49 -5.61 -37.59
N ARG B 326 6.39 -6.16 -38.40
CA ARG B 326 7.29 -7.21 -37.96
C ARG B 326 8.05 -6.76 -36.71
N THR B 327 7.65 -7.25 -35.55
CA THR B 327 8.22 -6.76 -34.30
C THR B 327 7.95 -7.76 -33.19
N ARG B 328 8.82 -7.74 -32.19
CA ARG B 328 8.64 -8.44 -30.94
C ARG B 328 8.26 -7.43 -29.86
N THR B 329 7.19 -7.73 -29.12
CA THR B 329 6.71 -6.88 -28.04
C THR B 329 6.43 -7.76 -26.84
N SER B 330 6.96 -7.38 -25.69
CA SER B 330 6.75 -8.14 -24.47
C SER B 330 6.23 -7.25 -23.34
N ILE B 331 5.37 -7.82 -22.51
CA ILE B 331 4.88 -7.18 -21.30
C ILE B 331 5.32 -8.02 -20.12
N ILE B 332 5.98 -7.39 -19.16
CA ILE B 332 6.34 -8.00 -17.89
C ILE B 332 5.33 -7.49 -16.86
N ALA B 333 4.40 -8.34 -16.46
CA ALA B 333 3.41 -8.02 -15.44
C ALA B 333 3.98 -8.37 -14.08
N THR B 334 4.14 -7.38 -13.21
CA THR B 334 4.71 -7.59 -11.89
C THR B 334 3.60 -7.65 -10.85
N ILE B 335 3.74 -8.61 -9.92
CA ILE B 335 2.77 -8.82 -8.85
C ILE B 335 3.49 -9.00 -7.53
N SER B 336 2.77 -8.76 -6.46
CA SER B 336 3.12 -9.08 -5.08
C SER B 336 2.57 -10.44 -4.71
N PRO B 337 3.23 -11.16 -3.80
CA PRO B 337 2.72 -12.46 -3.34
C PRO B 337 1.78 -12.38 -2.15
N ALA B 338 1.58 -11.20 -1.57
CA ALA B 338 0.97 -11.05 -0.27
C ALA B 338 -0.55 -10.97 -0.37
N SER B 339 -1.22 -11.54 0.64
CA SER B 339 -2.68 -11.45 0.71
C SER B 339 -3.15 -10.00 0.78
N LEU B 340 -2.30 -9.11 1.29
CA LEU B 340 -2.65 -7.70 1.42
C LEU B 340 -2.99 -7.06 0.08
N ASN B 341 -2.52 -7.63 -1.02
CA ASN B 341 -2.68 -7.05 -2.36
C ASN B 341 -3.48 -7.94 -3.29
N LEU B 342 -4.35 -8.80 -2.73
CA LEU B 342 -5.12 -9.74 -3.54
C LEU B 342 -5.88 -9.04 -4.66
N GLU B 343 -6.59 -7.95 -4.32
CA GLU B 343 -7.42 -7.27 -5.31
C GLU B 343 -6.58 -6.72 -6.47
N GLU B 344 -5.43 -6.12 -6.17
CA GLU B 344 -4.63 -5.53 -7.23
C GLU B 344 -3.85 -6.60 -8.00
N THR B 345 -3.48 -7.71 -7.35
CA THR B 345 -2.82 -8.79 -8.08
C THR B 345 -3.78 -9.44 -9.07
N LEU B 346 -5.04 -9.64 -8.69
CA LEU B 346 -6.02 -10.16 -9.64
C LEU B 346 -6.22 -9.21 -10.81
N SER B 347 -6.34 -7.91 -10.53
CA SER B 347 -6.52 -6.94 -11.60
C SER B 347 -5.34 -6.97 -12.57
N THR B 348 -4.12 -7.10 -12.06
CA THR B 348 -2.94 -7.19 -12.91
C THR B 348 -2.99 -8.45 -13.77
N LEU B 349 -3.32 -9.60 -13.15
CA LEU B 349 -3.37 -10.84 -13.90
C LEU B 349 -4.52 -10.83 -14.91
N GLU B 350 -5.67 -10.26 -14.51
CA GLU B 350 -6.77 -10.12 -15.46
C GLU B 350 -6.38 -9.23 -16.62
N TYR B 351 -5.63 -8.16 -16.36
CA TYR B 351 -5.19 -7.26 -17.42
C TYR B 351 -4.26 -7.98 -18.40
N ALA B 352 -3.25 -8.67 -17.88
CA ALA B 352 -2.32 -9.42 -18.73
C ALA B 352 -3.03 -10.53 -19.49
N HIS B 353 -3.98 -11.20 -18.84
CA HIS B 353 -4.78 -12.21 -19.51
C HIS B 353 -5.64 -11.59 -20.60
N ARG B 354 -6.14 -10.38 -20.38
CA ARG B 354 -6.92 -9.69 -21.40
C ARG B 354 -6.05 -9.30 -22.58
N ALA B 355 -4.77 -8.99 -22.33
CA ALA B 355 -3.87 -8.59 -23.39
C ALA B 355 -3.57 -9.74 -24.34
N LYS B 356 -3.36 -10.94 -23.80
CA LYS B 356 -3.10 -12.13 -24.62
C LYS B 356 -3.78 -13.31 -23.94
N ASN B 357 -4.99 -13.63 -24.39
CA ASN B 357 -5.77 -14.70 -23.77
C ASN B 357 -5.14 -16.05 -24.10
N ILE B 358 -4.50 -16.66 -23.12
CA ILE B 358 -3.98 -18.01 -23.23
C ILE B 358 -4.81 -18.91 -22.33
N LEU B 359 -5.06 -20.14 -22.79
CA LEU B 359 -5.92 -21.08 -22.08
C LEU B 359 -5.13 -21.90 -21.08
N ASN B 360 -5.74 -22.13 -19.91
CA ASN B 360 -5.18 -23.07 -18.96
C ASN B 360 -5.19 -24.47 -19.54
N LYS B 361 -4.10 -25.23 -19.29
CA LYS B 361 -3.94 -26.58 -19.78
C LYS B 361 -4.33 -27.59 -18.69
N PRO B 362 -4.82 -28.76 -19.06
CA PRO B 362 -5.33 -29.71 -18.04
C PRO B 362 -4.22 -30.27 -17.17
N GLU B 363 -4.65 -31.09 -16.19
CA GLU B 363 -3.78 -31.87 -15.30
C GLU B 363 -3.12 -30.98 -14.24
N VAL B 364 -3.92 -30.46 -13.32
CA VAL B 364 -3.47 -29.70 -12.14
C VAL B 364 -4.69 -29.20 -11.36
MG MG C . -2.30 -3.73 12.88
PB ADP D . -1.07 -1.11 11.33
O1B ADP D . -1.00 -2.04 10.14
O2B ADP D . -1.88 0.14 11.10
O3B ADP D . -1.38 -1.81 12.63
PA ADP D . 1.52 -1.32 12.44
O1A ADP D . 1.58 -2.74 11.96
O2A ADP D . 1.28 -1.00 13.89
O3A ADP D . 0.43 -0.56 11.52
O5' ADP D . 2.88 -0.56 12.00
C5' ADP D . 3.72 -1.09 10.96
C4' ADP D . 5.18 -0.72 11.22
O4' ADP D . 5.29 0.69 11.38
C3' ADP D . 5.65 -1.36 12.51
O3' ADP D . 6.99 -1.82 12.33
C2' ADP D . 5.66 -0.23 13.51
O2' ADP D . 6.71 -0.40 14.47
C1' ADP D . 5.88 0.99 12.65
N9 ADP D . 5.25 2.17 13.25
C8 ADP D . 3.95 2.52 13.17
N7 ADP D . 3.70 3.67 13.84
C5 ADP D . 4.87 4.08 14.36
C6 ADP D . 5.33 5.23 15.19
N6 ADP D . 4.46 6.18 15.60
N1 ADP D . 6.64 5.28 15.52
C2 ADP D . 7.51 4.33 15.12
N3 ADP D . 7.16 3.27 14.38
C4 ADP D . 5.88 3.09 13.97
C1 PEG E . 7.69 5.18 23.93
O1 PEG E . 7.14 6.20 24.73
C2 PEG E . 8.22 5.70 22.59
O2 PEG E . 7.73 4.90 21.53
C3 PEG E . 7.97 5.47 20.27
C4 PEG E . 6.69 6.05 19.70
O4 PEG E . 6.99 6.69 18.48
N NO3 F . -4.36 -9.45 4.32
O1 NO3 F . -4.93 -9.94 3.30
O2 NO3 F . -4.84 -8.40 4.86
O3 NO3 F . -3.32 -9.99 4.80
MG MG G . 8.70 2.48 -10.13
PB ADP H . 7.49 -0.21 -8.85
O1B ADP H . 8.56 0.37 -9.74
O2B ADP H . 6.63 -1.25 -9.54
O3B ADP H . 6.73 0.80 -8.04
PA ADP H . 9.89 -0.92 -7.53
O1A ADP H . 10.58 -1.53 -8.72
O2A ADP H . 10.15 0.49 -7.09
O3A ADP H . 8.30 -1.06 -7.74
O5' ADP H . 10.07 -1.91 -6.27
C5' ADP H . 9.77 -1.47 -4.95
C4' ADP H . 10.75 -2.12 -4.00
O4' ADP H . 10.66 -3.53 -4.17
C3' ADP H . 12.18 -1.72 -4.33
O3' ADP H . 12.92 -1.54 -3.12
C2' ADP H . 12.78 -2.90 -5.06
O2' ADP H . 14.15 -3.07 -4.71
C1' ADP H . 11.96 -4.05 -4.51
N9 ADP H . 11.81 -5.17 -5.46
C8 ADP H . 10.94 -5.25 -6.49
N7 ADP H . 11.07 -6.43 -7.13
C5 ADP H . 12.05 -7.12 -6.52
C6 ADP H . 12.70 -8.44 -6.69
N6 ADP H . 12.30 -9.26 -7.70
N1 ADP H . 13.68 -8.78 -5.84
C2 ADP H . 14.08 -7.96 -4.84
N3 ADP H . 13.53 -6.75 -4.63
C4 ADP H . 12.54 -6.29 -5.42
#